data_8XAK
#
_entry.id   8XAK
#
_cell.length_a   56.163
_cell.length_b   125.141
_cell.length_c   258.233
_cell.angle_alpha   90.00
_cell.angle_beta   91.47
_cell.angle_gamma   90.00
#
_symmetry.space_group_name_H-M   'C 1 2 1'
#
loop_
_entity.id
_entity.type
_entity.pdbx_description
1 polymer 'ATP-dependent DNA helicase PIF1'
2 polymer 'DNA (34-MER)'
3 non-polymer "ADENOSINE-5'-DIPHOSPHATE"
4 non-polymer 'TETRAFLUOROALUMINATE ION'
5 non-polymer 'MAGNESIUM ION'
6 non-polymer 'POTASSIUM ION'
#
loop_
_entity_poly.entity_id
_entity_poly.type
_entity_poly.pdbx_seq_one_letter_code
_entity_poly.pdbx_strand_id
1 'polypeptide(L)'
;CLSKEQESIIKLAENGHNIFYTGSAGTGKSILLREMIKVLKGIYGRENVAVTASTGLAACNIGGITIHSFAGIGLGKGDA
DKLYKKVRRSRKHLRRWENIGALVVDEISMLDAELLDKLDFIARKIRKNHQPFGGIQLIFCGDFFQLPPVSKDPNRPTKF
AFESKAWKEGVKMTIMLQKVFRQRGDVKFIDMLNRMRLGNIDDETEREFKKLSRPLPDDEIIPAELYSTRMEVERANNSR
LSKLPGQVHIFNAIDGGALEDEELKERLLQNFLAPKELHLKVGAQVMMVKNLDATLVNGSLGKVIEFMDPETYFCYEALT
NDPSMPPEKLETWAENPSKLKAAMEREQSDGEESAVASRKSSVKEGFAKSDIGEPVSPLDSSVFDFMKRVKTDDEVVLEN
IKRKEQLMQTIHQNSAGKRRLPLVRFKASDMSTRMVLVEPEDWAIEDENEKPLVSRVQLPLMLAWSLSIHKSQGQTLPKV
KVDLRRVFEKGQAYVALSRAVSREGLQVLNFDRTRIKAHQKVIDFYLTLSSAESAYKQLEADEQV
;
A,C
2 'polydeoxyribonucleotide'
;(DT)(DT)(DT)(DT)(DT)(DT)(DT)(DG)(DG)(DT)(DG)(DG)(DT)(DG)(DG)(DT)(DT)(DG)(DT)(DT)
(DG)(DT)(DG)(DG)(DT)(DG)(DG)(DT)(DG)(DG)(DT)(DG)(DG)(DT)
;
D,B
#
# COMPACT_ATOMS: atom_id res chain seq x y z
N CYS A 1 32.77 -22.43 -27.25
CA CYS A 1 34.10 -22.31 -26.66
C CYS A 1 33.99 -22.07 -25.16
N LEU A 2 32.86 -22.47 -24.59
CA LEU A 2 32.59 -22.29 -23.17
C LEU A 2 33.70 -22.89 -22.33
N SER A 3 33.88 -22.33 -21.13
CA SER A 3 34.93 -22.77 -20.23
C SER A 3 34.52 -24.05 -19.51
N LYS A 4 35.52 -24.68 -18.89
CA LYS A 4 35.26 -25.82 -18.00
C LYS A 4 34.20 -25.46 -16.95
N GLU A 5 34.31 -24.28 -16.35
CA GLU A 5 33.35 -23.85 -15.34
C GLU A 5 31.95 -23.65 -15.91
N GLN A 6 31.84 -22.95 -17.05
CA GLN A 6 30.55 -22.71 -17.68
C GLN A 6 29.84 -24.00 -18.08
N GLU A 7 30.58 -24.95 -18.66
CA GLU A 7 29.91 -26.17 -19.11
C GLU A 7 29.36 -26.98 -17.94
N SER A 8 30.07 -27.02 -16.81
CA SER A 8 29.57 -27.81 -15.69
C SER A 8 28.26 -27.26 -15.15
N ILE A 9 28.06 -25.93 -15.22
CA ILE A 9 26.77 -25.35 -14.82
C ILE A 9 25.67 -25.76 -15.79
N ILE A 10 25.97 -25.77 -17.09
CA ILE A 10 24.99 -26.23 -18.08
C ILE A 10 24.64 -27.69 -17.85
N LYS A 11 25.64 -28.51 -17.56
CA LYS A 11 25.45 -29.94 -17.41
C LYS A 11 24.67 -30.25 -16.13
N LEU A 12 24.94 -29.49 -15.06
CA LEU A 12 24.15 -29.58 -13.82
C LEU A 12 22.67 -29.33 -14.07
N ALA A 13 22.34 -28.35 -14.91
CA ALA A 13 20.95 -28.07 -15.25
C ALA A 13 20.30 -29.27 -15.93
N GLU A 14 21.04 -29.95 -16.80
CA GLU A 14 20.54 -31.18 -17.42
C GLU A 14 20.07 -32.18 -16.37
N ASN A 15 20.76 -32.26 -15.23
CA ASN A 15 20.38 -33.24 -14.22
C ASN A 15 19.11 -32.86 -13.48
N GLY A 16 18.50 -31.71 -13.78
CA GLY A 16 17.20 -31.39 -13.26
C GLY A 16 17.20 -30.49 -12.05
N HIS A 17 18.35 -29.97 -11.65
CA HIS A 17 18.41 -29.19 -10.43
C HIS A 17 17.81 -27.81 -10.62
N ASN A 18 17.19 -27.33 -9.55
CA ASN A 18 16.77 -25.94 -9.47
C ASN A 18 18.00 -25.16 -9.02
N ILE A 19 18.57 -24.35 -9.90
CA ILE A 19 19.86 -23.74 -9.61
C ILE A 19 19.75 -22.23 -9.64
N PHE A 20 20.48 -21.59 -8.73
CA PHE A 20 20.92 -20.21 -8.85
C PHE A 20 22.42 -20.22 -9.04
N TYR A 21 22.91 -19.56 -10.08
CA TYR A 21 24.33 -19.37 -10.26
C TYR A 21 24.62 -17.89 -10.45
N THR A 22 25.85 -17.51 -10.12
CA THR A 22 26.17 -16.10 -9.93
C THR A 22 27.66 -15.91 -10.14
N GLY A 23 28.11 -14.67 -9.96
CA GLY A 23 29.46 -14.26 -10.29
C GLY A 23 29.50 -12.79 -10.60
N SER A 24 30.70 -12.21 -10.49
CA SER A 24 30.87 -10.78 -10.72
C SER A 24 30.49 -10.43 -12.17
N ALA A 25 30.41 -9.13 -12.44
CA ALA A 25 30.10 -8.64 -13.78
C ALA A 25 31.01 -9.31 -14.81
N GLY A 26 30.41 -9.69 -15.94
CA GLY A 26 31.19 -10.16 -17.06
C GLY A 26 31.86 -11.50 -16.88
N THR A 27 31.35 -12.34 -15.98
CA THR A 27 31.86 -13.70 -15.82
C THR A 27 31.27 -14.71 -16.79
N GLY A 28 30.48 -14.27 -17.78
CA GLY A 28 29.94 -15.20 -18.77
C GLY A 28 28.65 -15.88 -18.36
N LYS A 29 27.88 -15.27 -17.46
CA LYS A 29 26.64 -15.88 -16.97
C LYS A 29 25.57 -15.95 -18.06
N SER A 30 25.41 -14.90 -18.86
CA SER A 30 24.35 -14.87 -19.87
C SER A 30 24.74 -15.66 -21.11
N ILE A 31 26.01 -15.64 -21.48
CA ILE A 31 26.47 -16.41 -22.64
C ILE A 31 26.24 -17.89 -22.38
N LEU A 32 26.50 -18.33 -21.14
CA LEU A 32 26.20 -19.69 -20.73
C LEU A 32 24.69 -19.96 -20.72
N LEU A 33 23.90 -18.99 -20.27
CA LEU A 33 22.44 -19.20 -20.23
C LEU A 33 21.85 -19.43 -21.62
N ARG A 34 22.33 -18.67 -22.61
CA ARG A 34 21.91 -18.85 -24.00
C ARG A 34 22.09 -20.29 -24.48
N GLU A 35 23.26 -20.87 -24.22
CA GLU A 35 23.55 -22.23 -24.65
C GLU A 35 22.70 -23.23 -23.88
N MET A 36 22.60 -23.03 -22.56
CA MET A 36 21.79 -23.88 -21.70
C MET A 36 20.36 -24.01 -22.20
N ILE A 37 19.77 -22.89 -22.64
CA ILE A 37 18.38 -22.89 -23.09
C ILE A 37 18.15 -23.89 -24.22
N LYS A 38 19.10 -24.02 -25.15
CA LYS A 38 18.92 -25.00 -26.23
C LYS A 38 18.77 -26.40 -25.68
N VAL A 39 19.48 -26.74 -24.62
CA VAL A 39 19.37 -28.13 -24.18
C VAL A 39 18.15 -28.31 -23.30
N LEU A 40 17.77 -27.32 -22.50
CA LEU A 40 16.51 -27.44 -21.79
C LEU A 40 15.33 -27.54 -22.75
N LYS A 41 15.37 -26.78 -23.85
CA LYS A 41 14.31 -26.87 -24.85
C LYS A 41 14.30 -28.21 -25.56
N GLY A 42 15.46 -28.82 -25.77
CA GLY A 42 15.47 -30.15 -26.34
C GLY A 42 15.01 -31.21 -25.38
N ILE A 43 15.16 -30.94 -24.07
CA ILE A 43 14.65 -31.84 -23.04
C ILE A 43 13.14 -31.64 -22.86
N TYR A 44 12.69 -30.38 -22.86
CA TYR A 44 11.32 -30.04 -22.53
C TYR A 44 10.44 -29.69 -23.73
N GLY A 45 11.03 -29.36 -24.88
CA GLY A 45 10.16 -28.95 -25.98
C GLY A 45 10.31 -27.46 -26.26
N ARG A 46 10.23 -27.10 -27.56
CA ARG A 46 10.61 -25.77 -28.00
C ARG A 46 9.83 -24.69 -27.26
N GLU A 47 8.55 -24.94 -26.99
CA GLU A 47 7.68 -23.95 -26.35
C GLU A 47 7.64 -24.08 -24.84
N ASN A 48 8.40 -25.01 -24.24
CA ASN A 48 8.23 -25.34 -22.83
C ASN A 48 9.37 -24.87 -21.93
N VAL A 49 10.18 -23.90 -22.35
CA VAL A 49 11.14 -23.27 -21.45
C VAL A 49 10.85 -21.78 -21.40
N ALA A 50 10.46 -21.28 -20.24
CA ALA A 50 10.27 -19.86 -20.02
C ALA A 50 11.61 -19.17 -19.78
N VAL A 51 11.97 -18.27 -20.69
CA VAL A 51 13.23 -17.52 -20.62
C VAL A 51 12.90 -16.07 -20.28
N THR A 52 13.39 -15.58 -19.13
CA THR A 52 12.86 -14.37 -18.54
C THR A 52 13.98 -13.64 -17.81
N ALA A 53 13.85 -12.31 -17.74
CA ALA A 53 14.70 -11.50 -16.87
C ALA A 53 13.92 -10.33 -16.28
N SER A 54 14.59 -9.62 -15.36
CA SER A 54 13.95 -8.56 -14.59
C SER A 54 13.72 -7.28 -15.38
N THR A 55 14.50 -7.04 -16.43
CA THR A 55 14.27 -5.91 -17.32
C THR A 55 14.11 -6.40 -18.75
N GLY A 56 13.54 -5.54 -19.59
CA GLY A 56 13.34 -5.91 -20.98
C GLY A 56 14.64 -6.11 -21.73
N LEU A 57 15.58 -5.19 -21.57
CA LEU A 57 16.86 -5.32 -22.27
C LEU A 57 17.64 -6.54 -21.80
N ALA A 58 17.62 -6.82 -20.49
CA ALA A 58 18.31 -8.01 -20.00
C ALA A 58 17.63 -9.30 -20.45
N ALA A 59 16.30 -9.27 -20.63
CA ALA A 59 15.61 -10.44 -21.15
C ALA A 59 15.97 -10.70 -22.61
N CYS A 60 16.00 -9.64 -23.42
CA CYS A 60 16.37 -9.79 -24.82
C CYS A 60 17.78 -10.35 -24.99
N ASN A 61 18.69 -10.06 -24.07
CA ASN A 61 20.06 -10.56 -24.16
C ASN A 61 20.18 -12.08 -24.22
N ILE A 62 19.17 -12.82 -23.74
CA ILE A 62 19.21 -14.28 -23.79
C ILE A 62 18.01 -14.85 -24.54
N GLY A 63 17.35 -14.04 -25.37
CA GLY A 63 16.27 -14.54 -26.19
C GLY A 63 14.96 -14.72 -25.48
N GLY A 64 14.73 -14.03 -24.36
CA GLY A 64 13.53 -14.22 -23.58
C GLY A 64 12.76 -12.92 -23.45
N ILE A 65 11.87 -12.87 -22.46
CA ILE A 65 10.98 -11.73 -22.24
C ILE A 65 11.00 -11.44 -20.75
N THR A 66 10.40 -10.31 -20.35
CA THR A 66 10.38 -9.98 -18.94
C THR A 66 9.56 -11.03 -18.19
N ILE A 67 9.96 -11.29 -16.93
CA ILE A 67 9.16 -12.19 -16.10
C ILE A 67 7.73 -11.67 -15.99
N HIS A 68 7.56 -10.35 -16.00
CA HIS A 68 6.22 -9.78 -15.91
C HIS A 68 5.42 -10.11 -17.15
N SER A 69 6.04 -9.93 -18.33
CA SER A 69 5.37 -10.25 -19.58
C SER A 69 5.00 -11.73 -19.64
N PHE A 70 5.95 -12.60 -19.28
CA PHE A 70 5.68 -14.03 -19.28
C PHE A 70 4.50 -14.40 -18.38
N ALA A 71 4.51 -13.92 -17.13
CA ALA A 71 3.50 -14.38 -16.18
C ALA A 71 2.10 -13.90 -16.51
N GLY A 72 1.95 -12.76 -17.18
CA GLY A 72 0.62 -12.24 -17.39
C GLY A 72 0.04 -11.48 -16.22
N ILE A 73 0.88 -10.96 -15.32
CA ILE A 73 0.45 -10.35 -14.08
C ILE A 73 0.42 -8.84 -14.16
N GLY A 74 0.73 -8.27 -15.33
CA GLY A 74 0.80 -6.82 -15.42
C GLY A 74 1.95 -6.32 -14.58
N LEU A 75 1.71 -5.34 -13.72
CA LEU A 75 2.79 -4.94 -12.84
C LEU A 75 2.97 -5.89 -11.65
N GLY A 76 2.08 -6.86 -11.48
CA GLY A 76 2.19 -7.84 -10.40
C GLY A 76 2.22 -7.26 -9.00
N LYS A 77 1.53 -6.15 -8.78
CA LYS A 77 1.68 -5.44 -7.51
C LYS A 77 0.84 -6.05 -6.38
N GLY A 78 -0.39 -6.47 -6.68
CA GLY A 78 -1.38 -6.73 -5.66
C GLY A 78 -1.18 -8.07 -4.99
N ASP A 79 -2.18 -8.45 -4.19
CA ASP A 79 -2.17 -9.75 -3.54
C ASP A 79 -1.93 -10.88 -4.54
N ALA A 80 -1.28 -11.94 -4.06
CA ALA A 80 -1.02 -13.09 -4.91
C ALA A 80 -2.31 -13.65 -5.46
N ASP A 81 -3.37 -13.65 -4.65
CA ASP A 81 -4.64 -14.20 -5.07
C ASP A 81 -5.24 -13.39 -6.21
N LYS A 82 -5.12 -12.06 -6.14
CA LYS A 82 -5.62 -11.20 -7.22
C LYS A 82 -4.82 -11.39 -8.51
N LEU A 83 -3.48 -11.47 -8.42
CA LEU A 83 -2.67 -11.70 -9.61
C LEU A 83 -3.05 -13.03 -10.28
N TYR A 84 -3.18 -14.08 -9.46
CA TYR A 84 -3.59 -15.38 -9.96
C TYR A 84 -4.90 -15.32 -10.74
N LYS A 85 -5.87 -14.56 -10.22
CA LYS A 85 -7.15 -14.44 -10.92
C LYS A 85 -6.98 -13.73 -12.26
N LYS A 86 -6.16 -12.66 -12.30
CA LYS A 86 -5.84 -12.00 -13.56
C LYS A 86 -5.24 -12.98 -14.55
N VAL A 87 -4.35 -13.86 -14.07
CA VAL A 87 -3.64 -14.81 -14.91
C VAL A 87 -4.61 -15.83 -15.51
N ARG A 88 -5.47 -16.41 -14.67
CA ARG A 88 -6.36 -17.49 -15.07
C ARG A 88 -7.41 -17.06 -16.09
N ARG A 89 -7.65 -15.76 -16.25
CA ARG A 89 -8.49 -15.29 -17.35
C ARG A 89 -7.82 -15.46 -18.70
N SER A 90 -6.63 -14.87 -18.87
CA SER A 90 -5.82 -14.92 -20.09
C SER A 90 -5.34 -16.30 -20.51
N ARG A 91 -5.93 -16.84 -21.59
CA ARG A 91 -5.63 -18.20 -22.04
C ARG A 91 -4.16 -18.40 -22.37
N LYS A 92 -3.51 -17.40 -22.96
CA LYS A 92 -2.08 -17.52 -23.25
C LYS A 92 -1.25 -17.78 -22.00
N HIS A 93 -1.50 -17.01 -20.95
CA HIS A 93 -0.66 -17.11 -19.76
C HIS A 93 -0.99 -18.31 -18.89
N LEU A 94 -2.26 -18.72 -18.84
CA LEU A 94 -2.62 -19.90 -18.06
C LEU A 94 -2.02 -21.16 -18.65
N ARG A 95 -2.16 -21.32 -19.97
CA ARG A 95 -1.59 -22.48 -20.65
C ARG A 95 -0.08 -22.49 -20.49
N ARG A 96 0.55 -21.32 -20.63
CA ARG A 96 1.99 -21.22 -20.48
C ARG A 96 2.42 -21.77 -19.13
N TRP A 97 1.70 -21.38 -18.07
CA TRP A 97 2.05 -21.84 -16.73
C TRP A 97 1.79 -23.33 -16.55
N GLU A 98 0.77 -23.87 -17.21
CA GLU A 98 0.50 -25.31 -17.07
C GLU A 98 1.51 -26.16 -17.83
N ASN A 99 2.04 -25.65 -18.94
CA ASN A 99 2.80 -26.48 -19.88
C ASN A 99 4.30 -26.42 -19.68
N ILE A 100 4.85 -25.29 -19.20
CA ILE A 100 6.29 -25.14 -19.20
C ILE A 100 6.91 -26.12 -18.20
N GLY A 101 8.13 -26.54 -18.48
CA GLY A 101 8.90 -27.35 -17.56
C GLY A 101 9.98 -26.58 -16.82
N ALA A 102 10.42 -25.46 -17.39
CA ALA A 102 11.51 -24.71 -16.79
C ALA A 102 11.22 -23.22 -16.91
N LEU A 103 11.66 -22.48 -15.89
CA LEU A 103 11.59 -21.03 -15.83
C LEU A 103 13.00 -20.49 -15.66
N VAL A 104 13.48 -19.74 -16.65
CA VAL A 104 14.80 -19.11 -16.62
C VAL A 104 14.61 -17.65 -16.24
N VAL A 105 15.32 -17.19 -15.21
CA VAL A 105 15.24 -15.81 -14.75
C VAL A 105 16.64 -15.23 -14.60
N ASP A 106 17.00 -14.30 -15.48
CA ASP A 106 18.28 -13.60 -15.47
C ASP A 106 18.12 -12.23 -14.79
N GLU A 107 19.27 -11.63 -14.42
CA GLU A 107 19.31 -10.40 -13.63
C GLU A 107 18.35 -10.42 -12.44
N ILE A 108 18.45 -11.48 -11.64
CA ILE A 108 17.51 -11.70 -10.55
C ILE A 108 17.65 -10.69 -9.43
N SER A 109 18.75 -9.93 -9.38
CA SER A 109 18.98 -9.00 -8.28
C SER A 109 17.88 -7.94 -8.20
N MET A 110 17.20 -7.68 -9.32
CA MET A 110 16.18 -6.65 -9.40
C MET A 110 14.78 -7.17 -9.13
N LEU A 111 14.64 -8.42 -8.71
CA LEU A 111 13.34 -9.00 -8.38
C LEU A 111 13.17 -9.04 -6.88
N ASP A 112 12.06 -8.48 -6.39
CA ASP A 112 11.86 -8.33 -4.97
C ASP A 112 11.23 -9.60 -4.39
N ALA A 113 11.24 -9.68 -3.06
CA ALA A 113 10.75 -10.89 -2.37
C ALA A 113 9.29 -11.15 -2.65
N GLU A 114 8.46 -10.09 -2.71
CA GLU A 114 7.03 -10.28 -2.94
C GLU A 114 6.74 -10.96 -4.26
N LEU A 115 7.45 -10.59 -5.34
CA LEU A 115 7.21 -11.24 -6.62
C LEU A 115 7.52 -12.73 -6.60
N LEU A 116 8.66 -13.13 -6.03
CA LEU A 116 8.97 -14.55 -5.97
C LEU A 116 7.90 -15.32 -5.20
N ASP A 117 7.52 -14.80 -4.03
CA ASP A 117 6.51 -15.48 -3.23
C ASP A 117 5.18 -15.57 -3.98
N LYS A 118 4.81 -14.52 -4.70
CA LYS A 118 3.55 -14.52 -5.45
C LYS A 118 3.62 -15.50 -6.62
N LEU A 119 4.73 -15.44 -7.36
CA LEU A 119 4.99 -16.38 -8.45
C LEU A 119 4.94 -17.82 -7.96
N ASP A 120 5.51 -18.09 -6.78
CA ASP A 120 5.45 -19.42 -6.20
C ASP A 120 3.98 -19.80 -5.98
N PHE A 121 3.21 -18.92 -5.35
CA PHE A 121 1.78 -19.18 -5.19
C PHE A 121 1.11 -19.50 -6.52
N ILE A 122 1.44 -18.72 -7.55
CA ILE A 122 0.78 -18.88 -8.85
C ILE A 122 1.13 -20.23 -9.44
N ALA A 123 2.42 -20.61 -9.44
CA ALA A 123 2.79 -21.89 -10.00
C ALA A 123 2.20 -23.05 -9.21
N ARG A 124 2.23 -22.96 -7.87
CA ARG A 124 1.65 -24.02 -7.05
C ARG A 124 0.15 -24.16 -7.32
N LYS A 125 -0.55 -23.04 -7.41
CA LYS A 125 -2.00 -23.08 -7.58
C LYS A 125 -2.40 -23.54 -8.99
N ILE A 126 -1.71 -23.03 -10.02
CA ILE A 126 -2.08 -23.37 -11.39
C ILE A 126 -1.80 -24.83 -11.69
N ARG A 127 -0.68 -25.36 -11.21
CA ARG A 127 -0.28 -26.72 -11.56
C ARG A 127 -0.81 -27.78 -10.62
N LYS A 128 -1.57 -27.41 -9.58
CA LYS A 128 -2.16 -28.39 -8.67
C LYS A 128 -1.06 -29.31 -8.14
N ASN A 129 0.00 -28.68 -7.64
CA ASN A 129 1.28 -29.33 -7.40
C ASN A 129 1.99 -28.55 -6.30
N HIS A 130 2.24 -29.21 -5.18
CA HIS A 130 2.78 -28.58 -3.98
C HIS A 130 4.30 -28.47 -3.97
N GLN A 131 4.99 -28.82 -5.06
CA GLN A 131 6.41 -28.57 -5.14
C GLN A 131 6.78 -27.09 -5.15
N PRO A 132 8.05 -26.77 -4.81
CA PRO A 132 8.48 -25.38 -4.58
C PRO A 132 7.95 -24.37 -5.57
N PHE A 133 7.94 -24.69 -6.87
CA PHE A 133 7.37 -23.79 -7.86
C PHE A 133 6.36 -24.51 -8.75
N GLY A 134 5.50 -25.33 -8.14
CA GLY A 134 4.70 -26.28 -8.90
C GLY A 134 5.49 -27.31 -9.68
N GLY A 135 6.76 -27.48 -9.38
CA GLY A 135 7.62 -28.42 -10.07
C GLY A 135 8.33 -27.86 -11.28
N ILE A 136 8.15 -26.58 -11.62
CA ILE A 136 8.94 -25.96 -12.69
C ILE A 136 10.41 -25.98 -12.29
N GLN A 137 11.28 -26.38 -13.21
CA GLN A 137 12.70 -26.29 -12.92
C GLN A 137 13.19 -24.84 -12.96
N LEU A 138 13.95 -24.45 -11.96
CA LEU A 138 14.36 -23.07 -11.74
C LEU A 138 15.83 -22.92 -12.11
N ILE A 139 16.14 -21.95 -12.97
CA ILE A 139 17.50 -21.54 -13.26
C ILE A 139 17.57 -20.04 -13.03
N PHE A 140 18.13 -19.63 -11.90
CA PHE A 140 18.23 -18.23 -11.52
C PHE A 140 19.66 -17.73 -11.71
N CYS A 141 19.79 -16.53 -12.26
CA CYS A 141 21.09 -16.02 -12.64
C CYS A 141 21.14 -14.52 -12.41
N GLY A 142 22.23 -14.08 -11.79
CA GLY A 142 22.45 -12.66 -11.57
C GLY A 142 23.54 -12.46 -10.54
N ASP A 143 23.65 -11.22 -10.09
CA ASP A 143 24.64 -10.85 -9.07
C ASP A 143 23.97 -9.89 -8.10
N PHE A 144 23.83 -10.31 -6.85
CA PHE A 144 23.14 -9.48 -5.87
C PHE A 144 24.01 -8.36 -5.33
N PHE A 145 25.28 -8.28 -5.72
CA PHE A 145 26.08 -7.10 -5.44
C PHE A 145 25.77 -5.97 -6.40
N GLN A 146 24.96 -6.22 -7.40
CA GLN A 146 24.49 -5.23 -8.36
C GLN A 146 23.17 -4.64 -7.84
N LEU A 147 22.43 -3.99 -8.71
CA LEU A 147 21.28 -3.20 -8.29
C LEU A 147 20.25 -4.04 -7.54
N PRO A 148 19.66 -3.49 -6.49
CA PRO A 148 18.54 -4.14 -5.83
C PRO A 148 17.28 -3.78 -6.59
N PRO A 149 16.11 -4.31 -6.23
CA PRO A 149 14.92 -3.90 -6.98
C PRO A 149 14.63 -2.42 -6.82
N VAL A 150 13.92 -1.94 -7.84
CA VAL A 150 13.53 -0.52 -7.93
C VAL A 150 12.39 -0.26 -6.96
N SER A 151 12.55 0.75 -6.13
CA SER A 151 11.55 1.12 -5.12
C SER A 151 11.84 2.59 -4.85
N LYS A 152 11.04 3.23 -4.02
CA LYS A 152 11.38 4.62 -3.69
C LYS A 152 12.28 4.55 -2.47
N ASP A 153 11.83 5.04 -1.31
CA ASP A 153 12.77 5.03 -0.17
C ASP A 153 12.06 5.10 1.18
N PRO A 154 11.02 4.31 1.52
CA PRO A 154 10.48 4.31 2.87
C PRO A 154 11.59 3.61 3.68
N ASN A 155 11.48 2.30 3.85
CA ASN A 155 12.58 1.51 4.45
C ASN A 155 12.72 0.35 3.46
N ARG A 156 13.23 0.62 2.26
CA ARG A 156 13.14 -0.46 1.23
C ARG A 156 14.33 -0.80 0.38
N PRO A 157 15.41 -1.46 0.84
CA PRO A 157 16.40 -2.04 -0.07
C PRO A 157 15.45 -3.24 -0.05
N THR A 158 14.40 -3.24 -0.88
CA THR A 158 13.29 -4.20 -0.76
C THR A 158 13.88 -5.57 -0.48
N LYS A 159 13.25 -6.28 0.45
CA LYS A 159 13.87 -7.54 0.87
C LYS A 159 14.20 -8.21 -0.44
N PHE A 160 15.44 -8.62 -0.57
CA PHE A 160 15.86 -9.15 -1.86
C PHE A 160 15.24 -10.50 -2.04
N ALA A 161 15.66 -11.18 -3.08
CA ALA A 161 15.13 -12.52 -3.36
C ALA A 161 15.57 -13.55 -2.33
N PHE A 162 16.82 -13.51 -1.89
CA PHE A 162 17.34 -14.58 -1.00
C PHE A 162 16.67 -14.57 0.35
N GLU A 163 15.68 -13.71 0.52
CA GLU A 163 14.99 -13.57 1.82
C GLU A 163 13.55 -14.02 1.61
N SER A 164 13.25 -14.54 0.43
CA SER A 164 11.86 -14.94 0.13
C SER A 164 11.65 -16.38 0.53
N LYS A 165 10.54 -16.68 1.18
CA LYS A 165 10.22 -18.07 1.45
C LYS A 165 10.35 -18.95 0.21
N ALA A 166 9.89 -18.45 -0.94
CA ALA A 166 10.00 -19.22 -2.18
C ALA A 166 11.44 -19.61 -2.48
N TRP A 167 12.36 -18.67 -2.32
CA TRP A 167 13.79 -18.95 -2.53
C TRP A 167 14.30 -20.05 -1.61
N LYS A 168 14.13 -19.90 -0.29
CA LYS A 168 14.77 -20.83 0.64
C LYS A 168 14.27 -22.26 0.46
N GLU A 169 13.02 -22.45 0.03
CA GLU A 169 12.52 -23.78 -0.21
C GLU A 169 12.77 -24.29 -1.62
N GLY A 170 12.86 -23.38 -2.59
CA GLY A 170 13.02 -23.76 -3.98
C GLY A 170 14.44 -23.94 -4.46
N VAL A 171 15.33 -23.02 -4.10
CA VAL A 171 16.70 -23.02 -4.62
C VAL A 171 17.50 -24.14 -3.94
N LYS A 172 17.81 -25.18 -4.70
CA LYS A 172 18.52 -26.35 -4.22
C LYS A 172 20.04 -26.18 -4.24
N MET A 173 20.56 -25.28 -5.08
CA MET A 173 21.96 -25.32 -5.48
C MET A 173 22.42 -23.94 -5.92
N THR A 174 23.66 -23.59 -5.56
CA THR A 174 24.25 -22.32 -5.96
C THR A 174 25.59 -22.61 -6.60
N ILE A 175 25.96 -21.79 -7.59
CA ILE A 175 27.23 -21.94 -8.29
C ILE A 175 27.81 -20.54 -8.51
N MET A 176 29.11 -20.39 -8.25
CA MET A 176 29.77 -19.09 -8.37
C MET A 176 30.80 -19.13 -9.48
N LEU A 177 30.69 -18.24 -10.44
CA LEU A 177 31.77 -18.05 -11.40
C LEU A 177 32.73 -17.01 -10.82
N GLN A 178 33.99 -17.10 -11.22
CA GLN A 178 35.00 -16.17 -10.74
C GLN A 178 35.76 -15.44 -11.85
N LYS A 179 35.99 -16.06 -12.99
CA LYS A 179 36.84 -15.44 -14.00
C LYS A 179 36.06 -14.32 -14.70
N VAL A 180 36.64 -13.12 -14.68
CA VAL A 180 36.04 -11.97 -15.33
C VAL A 180 36.49 -11.97 -16.79
N PHE A 181 35.52 -11.99 -17.69
CA PHE A 181 35.80 -11.93 -19.12
C PHE A 181 35.70 -10.51 -19.70
N ARG A 182 34.70 -9.74 -19.28
CA ARG A 182 34.41 -8.46 -19.95
C ARG A 182 35.63 -7.56 -20.03
N GLN A 183 36.40 -7.46 -18.94
CA GLN A 183 37.57 -6.59 -18.87
C GLN A 183 38.88 -7.37 -18.90
N ARG A 184 38.90 -8.55 -19.53
CA ARG A 184 40.04 -9.45 -19.35
C ARG A 184 41.38 -8.83 -19.78
N GLY A 185 41.36 -7.80 -20.62
CA GLY A 185 42.59 -7.15 -21.04
C GLY A 185 43.38 -6.46 -19.94
N ASP A 186 42.74 -6.17 -18.80
CA ASP A 186 43.25 -5.17 -17.85
C ASP A 186 43.07 -5.73 -16.43
N VAL A 187 44.11 -6.38 -15.92
CA VAL A 187 43.99 -7.02 -14.62
C VAL A 187 43.85 -5.99 -13.51
N LYS A 188 44.55 -4.86 -13.60
CA LYS A 188 44.38 -3.83 -12.58
C LYS A 188 42.97 -3.26 -12.61
N PHE A 189 42.40 -3.08 -13.81
CA PHE A 189 41.01 -2.66 -13.91
C PHE A 189 40.05 -3.71 -13.34
N ILE A 190 40.32 -4.99 -13.59
CA ILE A 190 39.46 -6.05 -13.06
C ILE A 190 39.49 -6.07 -11.54
N ASP A 191 40.67 -5.89 -10.97
CA ASP A 191 40.81 -5.90 -9.51
C ASP A 191 40.11 -4.68 -8.89
N MET A 192 40.27 -3.51 -9.52
CA MET A 192 39.54 -2.32 -9.08
C MET A 192 38.03 -2.52 -9.07
N LEU A 193 37.48 -3.18 -10.10
CA LEU A 193 36.04 -3.39 -10.13
C LEU A 193 35.58 -4.40 -9.08
N ASN A 194 36.30 -5.50 -8.91
CA ASN A 194 35.81 -6.54 -7.99
C ASN A 194 35.83 -6.04 -6.56
N ARG A 195 36.86 -5.27 -6.18
CA ARG A 195 36.86 -4.67 -4.85
C ARG A 195 35.79 -3.59 -4.77
N MET A 196 35.56 -2.86 -5.86
CA MET A 196 34.47 -1.91 -5.93
C MET A 196 33.12 -2.62 -5.80
N ARG A 197 33.03 -3.83 -6.36
CA ARG A 197 31.86 -4.70 -6.20
C ARG A 197 31.50 -4.93 -4.73
N LEU A 198 32.50 -5.13 -3.88
CA LEU A 198 32.29 -5.46 -2.48
C LEU A 198 32.25 -4.22 -1.59
N GLY A 199 32.31 -3.03 -2.18
CA GLY A 199 32.23 -1.82 -1.39
C GLY A 199 33.49 -1.48 -0.64
N ASN A 200 34.65 -1.85 -1.18
CA ASN A 200 35.94 -1.68 -0.51
C ASN A 200 36.82 -0.92 -1.49
N ILE A 201 36.68 0.40 -1.49
CA ILE A 201 37.40 1.26 -2.42
C ILE A 201 38.55 1.88 -1.64
N ASP A 202 39.77 1.68 -2.11
CA ASP A 202 40.89 2.34 -1.47
C ASP A 202 41.29 3.60 -2.25
N ASP A 203 42.27 4.32 -1.67
CA ASP A 203 42.70 5.60 -2.22
C ASP A 203 43.27 5.43 -3.61
N GLU A 204 44.11 4.41 -3.80
CA GLU A 204 44.79 4.18 -5.06
C GLU A 204 43.81 3.81 -6.16
N THR A 205 42.77 3.04 -5.81
CA THR A 205 41.72 2.74 -6.77
C THR A 205 40.97 4.01 -7.17
N GLU A 206 40.66 4.88 -6.20
CA GLU A 206 40.02 6.16 -6.46
C GLU A 206 40.84 7.03 -7.42
N ARG A 207 42.16 7.09 -7.21
CA ARG A 207 43.01 7.84 -8.13
C ARG A 207 42.84 7.34 -9.56
N GLU A 208 42.83 6.03 -9.76
CA GLU A 208 42.82 5.55 -11.13
C GLU A 208 41.49 5.82 -11.83
N PHE A 209 40.37 5.75 -11.12
CA PHE A 209 39.11 6.06 -11.80
C PHE A 209 38.99 7.55 -12.10
N LYS A 210 39.50 8.39 -11.20
CA LYS A 210 39.44 9.83 -11.46
C LYS A 210 40.32 10.20 -12.65
N LYS A 211 41.38 9.40 -12.91
CA LYS A 211 42.22 9.59 -14.10
C LYS A 211 41.48 9.41 -15.43
N LEU A 212 40.38 8.65 -15.46
CA LEU A 212 39.63 8.34 -16.69
C LEU A 212 38.64 9.45 -17.05
N SER A 213 38.70 10.58 -16.38
CA SER A 213 37.89 11.73 -16.77
C SER A 213 38.31 12.38 -18.08
N ARG A 214 39.47 12.04 -18.65
CA ARG A 214 39.81 12.59 -19.96
C ARG A 214 38.77 12.19 -21.00
N PRO A 215 38.49 13.06 -21.97
CA PRO A 215 37.43 12.78 -22.95
C PRO A 215 37.78 11.64 -23.90
N LEU A 216 36.73 11.02 -24.46
CA LEU A 216 36.99 9.93 -25.40
C LEU A 216 37.42 10.46 -26.78
N PRO A 217 38.00 9.58 -27.60
CA PRO A 217 38.29 9.94 -29.01
C PRO A 217 37.07 10.38 -29.81
N ASP A 218 37.28 11.35 -30.72
CA ASP A 218 36.19 11.88 -31.53
C ASP A 218 35.88 10.93 -32.70
N ASP A 219 36.48 9.73 -32.68
CA ASP A 219 36.40 8.72 -33.74
C ASP A 219 34.98 8.38 -34.13
N GLU A 220 34.81 7.82 -35.33
CA GLU A 220 33.46 7.54 -35.79
C GLU A 220 32.70 6.53 -34.93
N ILE A 221 33.31 5.92 -33.92
CA ILE A 221 32.53 4.97 -33.13
C ILE A 221 31.67 5.82 -32.20
N ILE A 222 30.35 5.72 -32.33
CA ILE A 222 29.45 6.41 -31.40
C ILE A 222 29.51 5.76 -30.02
N PRO A 223 29.82 6.48 -28.95
CA PRO A 223 29.87 5.81 -27.64
C PRO A 223 28.48 5.56 -27.08
N ALA A 224 28.39 4.50 -26.27
CA ALA A 224 27.31 4.32 -25.32
C ALA A 224 27.42 5.34 -24.19
N GLU A 225 26.28 5.71 -23.60
CA GLU A 225 26.30 6.62 -22.46
C GLU A 225 25.33 6.13 -21.40
N LEU A 226 25.77 6.15 -20.14
CA LEU A 226 24.99 5.62 -19.02
C LEU A 226 24.74 6.72 -17.99
N TYR A 227 23.49 6.81 -17.53
CA TYR A 227 23.12 7.78 -16.51
C TYR A 227 22.17 7.11 -15.53
N SER A 228 22.03 7.73 -14.35
CA SER A 228 21.18 7.14 -13.32
C SER A 228 19.71 7.32 -13.61
N THR A 229 19.32 8.49 -14.12
CA THR A 229 17.92 8.89 -14.22
C THR A 229 17.53 9.07 -15.68
N ARG A 230 16.23 8.92 -15.95
CA ARG A 230 15.74 9.01 -17.33
C ARG A 230 15.93 10.42 -17.88
N MET A 231 15.85 11.43 -17.03
CA MET A 231 16.03 12.81 -17.48
C MET A 231 17.45 13.04 -18.02
N GLU A 232 18.46 12.52 -17.34
CA GLU A 232 19.82 12.58 -17.87
C GLU A 232 19.91 11.85 -19.21
N VAL A 233 19.27 10.68 -19.31
CA VAL A 233 19.34 9.85 -20.50
C VAL A 233 18.76 10.59 -21.71
N GLU A 234 17.58 11.19 -21.53
CA GLU A 234 16.95 11.91 -22.63
C GLU A 234 17.82 13.05 -23.15
N ARG A 235 18.48 13.79 -22.25
CA ARG A 235 19.36 14.87 -22.72
C ARG A 235 20.50 14.32 -23.57
N ALA A 236 21.11 13.20 -23.15
CA ALA A 236 22.21 12.64 -23.92
C ALA A 236 21.74 12.07 -25.25
N ASN A 237 20.55 11.47 -25.27
CA ASN A 237 20.02 10.92 -26.51
C ASN A 237 19.68 12.02 -27.50
N ASN A 238 19.05 13.10 -27.03
CA ASN A 238 18.69 14.20 -27.93
C ASN A 238 19.91 14.95 -28.44
N SER A 239 20.96 15.07 -27.62
CA SER A 239 22.22 15.64 -28.11
C SER A 239 22.80 14.86 -29.28
N ARG A 240 22.94 13.54 -29.13
CA ARG A 240 23.50 12.72 -30.20
C ARG A 240 22.65 12.80 -31.46
N LEU A 241 21.33 12.82 -31.31
CA LEU A 241 20.45 12.89 -32.48
C LEU A 241 20.67 14.19 -33.25
N SER A 242 20.85 15.30 -32.53
CA SER A 242 21.08 16.58 -33.18
C SER A 242 22.38 16.60 -33.98
N LYS A 243 23.36 15.78 -33.61
CA LYS A 243 24.58 15.73 -34.39
C LYS A 243 24.42 14.91 -35.66
N LEU A 244 23.42 14.04 -35.72
CA LEU A 244 23.17 13.26 -36.93
C LEU A 244 22.72 14.17 -38.07
N PRO A 245 23.29 14.03 -39.27
CA PRO A 245 22.76 14.73 -40.43
C PRO A 245 21.35 14.27 -40.77
N GLY A 246 20.51 15.19 -41.22
CA GLY A 246 19.19 14.80 -41.66
C GLY A 246 17.99 15.58 -41.14
N GLN A 247 16.89 15.51 -41.89
CA GLN A 247 15.65 16.13 -41.49
C GLN A 247 15.00 15.40 -40.33
N VAL A 248 14.57 16.17 -39.32
CA VAL A 248 13.89 15.56 -38.18
C VAL A 248 12.47 15.18 -38.59
N HIS A 249 11.99 14.07 -38.05
CA HIS A 249 10.61 13.63 -38.21
C HIS A 249 9.96 13.59 -36.84
N ILE A 250 8.84 14.29 -36.69
CA ILE A 250 8.22 14.52 -35.39
C ILE A 250 6.96 13.66 -35.31
N PHE A 251 6.82 12.93 -34.21
CA PHE A 251 5.65 12.08 -33.95
C PHE A 251 5.06 12.49 -32.60
N ASN A 252 3.95 13.21 -32.62
CA ASN A 252 3.30 13.67 -31.40
C ASN A 252 2.29 12.62 -30.94
N ALA A 253 2.44 12.17 -29.69
CA ALA A 253 1.57 11.14 -29.14
C ALA A 253 0.14 11.65 -28.97
N ILE A 254 -0.80 10.71 -29.00
CA ILE A 254 -2.19 10.95 -28.66
C ILE A 254 -2.41 10.40 -27.25
N ASP A 255 -2.69 11.29 -26.30
CA ASP A 255 -2.86 10.92 -24.90
C ASP A 255 -4.33 11.00 -24.51
N GLY A 256 -4.74 10.12 -23.59
CA GLY A 256 -6.03 10.27 -22.97
C GLY A 256 -6.15 9.73 -21.56
N GLY A 257 -7.37 9.40 -21.15
CA GLY A 257 -7.65 8.86 -19.83
C GLY A 257 -8.63 9.70 -19.03
N ALA A 258 -9.54 9.06 -18.30
CA ALA A 258 -10.80 9.68 -17.87
C ALA A 258 -10.67 10.26 -16.47
N LEU A 259 -9.55 10.93 -16.23
CA LEU A 259 -9.23 11.62 -14.99
C LEU A 259 -9.32 13.12 -15.19
N GLU A 260 -9.86 13.82 -14.18
CA GLU A 260 -10.12 15.24 -14.38
C GLU A 260 -8.87 16.07 -14.11
N ASP A 261 -8.04 15.65 -13.17
CA ASP A 261 -6.84 16.42 -12.85
C ASP A 261 -5.83 16.22 -13.99
N GLU A 262 -5.56 17.28 -14.74
CA GLU A 262 -4.65 17.18 -15.88
C GLU A 262 -3.25 16.82 -15.41
N GLU A 263 -2.83 17.37 -14.28
CA GLU A 263 -1.50 17.12 -13.75
C GLU A 263 -1.36 15.67 -13.30
N LEU A 264 -2.35 15.16 -12.57
CA LEU A 264 -2.32 13.75 -12.19
C LEU A 264 -2.16 12.86 -13.41
N LYS A 265 -2.86 13.19 -14.51
CA LYS A 265 -2.73 12.43 -15.75
C LYS A 265 -1.28 12.45 -16.23
N GLU A 266 -0.64 13.61 -16.18
CA GLU A 266 0.74 13.75 -16.67
C GLU A 266 1.70 12.92 -15.82
N ARG A 267 1.48 12.88 -14.50
CA ARG A 267 2.31 12.01 -13.66
C ARG A 267 2.22 10.56 -14.12
N LEU A 268 1.01 10.08 -14.41
CA LEU A 268 0.85 8.70 -14.86
C LEU A 268 1.45 8.51 -16.26
N LEU A 269 1.33 9.53 -17.10
CA LEU A 269 1.91 9.50 -18.45
C LEU A 269 3.42 9.37 -18.48
N GLN A 270 4.13 9.92 -17.48
CA GLN A 270 5.59 9.86 -17.48
C GLN A 270 6.13 8.43 -17.58
N ASN A 271 5.52 7.49 -16.87
CA ASN A 271 5.91 6.08 -16.73
C ASN A 271 5.44 5.21 -17.90
N PHE A 272 4.89 5.77 -18.97
CA PHE A 272 4.64 5.02 -20.20
C PHE A 272 5.83 4.71 -21.12
N LEU A 273 7.01 5.28 -20.92
CA LEU A 273 8.27 4.85 -21.54
C LEU A 273 8.31 5.21 -23.02
N ALA A 274 7.16 5.57 -23.61
CA ALA A 274 7.29 6.06 -24.96
C ALA A 274 7.24 7.58 -24.89
N PRO A 275 7.98 8.38 -25.63
CA PRO A 275 7.96 9.81 -25.33
C PRO A 275 6.68 10.44 -25.83
N LYS A 276 6.34 11.60 -25.27
CA LYS A 276 5.23 12.37 -25.81
C LYS A 276 5.59 12.88 -27.20
N GLU A 277 6.86 13.23 -27.37
CA GLU A 277 7.42 13.79 -28.59
C GLU A 277 8.58 12.91 -29.01
N LEU A 278 8.38 12.11 -30.03
CA LEU A 278 9.40 11.19 -30.53
C LEU A 278 10.04 11.84 -31.75
N HIS A 279 11.34 12.10 -31.65
CA HIS A 279 12.08 12.70 -32.75
C HIS A 279 13.03 11.66 -33.31
N LEU A 280 13.03 11.54 -34.63
CA LEU A 280 13.77 10.49 -35.31
C LEU A 280 14.42 11.08 -36.54
N LYS A 281 15.50 10.43 -36.98
CA LYS A 281 16.19 10.79 -38.20
C LYS A 281 16.68 9.52 -38.85
N VAL A 282 16.94 9.59 -40.16
CA VAL A 282 17.67 8.52 -40.80
C VAL A 282 18.94 8.27 -39.99
N GLY A 283 19.23 7.01 -39.69
CA GLY A 283 20.39 6.68 -38.92
C GLY A 283 20.22 6.72 -37.42
N ALA A 284 19.08 7.19 -36.92
CA ALA A 284 18.86 7.25 -35.48
C ALA A 284 18.85 5.85 -34.87
N GLN A 285 19.46 5.73 -33.69
CA GLN A 285 19.42 4.49 -32.91
C GLN A 285 18.21 4.48 -31.99
N VAL A 286 17.40 3.41 -32.10
CA VAL A 286 16.12 3.33 -31.41
C VAL A 286 16.03 2.01 -30.64
N MET A 287 15.11 1.97 -29.68
CA MET A 287 14.80 0.76 -28.92
C MET A 287 13.31 0.47 -29.01
N MET A 288 12.95 -0.78 -29.28
CA MET A 288 11.57 -1.20 -29.18
C MET A 288 11.15 -1.29 -27.71
N VAL A 289 9.96 -0.81 -27.39
CA VAL A 289 9.52 -0.83 -26.00
C VAL A 289 8.20 -1.57 -25.81
N LYS A 290 7.70 -2.25 -26.84
CA LYS A 290 6.50 -3.07 -26.70
C LYS A 290 6.74 -4.47 -27.24
N ASN A 291 6.01 -5.43 -26.66
CA ASN A 291 6.06 -6.83 -27.08
C ASN A 291 5.07 -7.02 -28.21
N LEU A 292 5.58 -7.05 -29.43
CA LEU A 292 4.77 -7.10 -30.65
C LEU A 292 4.57 -8.50 -31.19
N ASP A 293 5.65 -9.32 -31.22
CA ASP A 293 5.61 -10.73 -31.63
C ASP A 293 6.66 -11.52 -30.91
N ALA A 294 6.93 -12.74 -31.39
CA ALA A 294 7.84 -13.68 -30.74
C ALA A 294 9.30 -13.15 -30.62
N THR A 295 9.86 -12.33 -31.57
CA THR A 295 11.29 -11.92 -31.53
C THR A 295 11.52 -10.41 -31.60
N LEU A 296 10.46 -9.63 -31.41
CA LEU A 296 10.51 -8.17 -31.36
C LEU A 296 9.85 -7.70 -30.08
N VAL A 297 10.69 -7.35 -29.10
CA VAL A 297 10.28 -7.17 -27.71
C VAL A 297 10.98 -5.94 -27.16
N ASN A 298 10.54 -5.53 -25.98
CA ASN A 298 11.19 -4.45 -25.22
C ASN A 298 12.67 -4.77 -25.02
N GLY A 299 13.53 -3.91 -25.57
CA GLY A 299 14.97 -4.10 -25.55
C GLY A 299 15.59 -4.39 -26.90
N SER A 300 14.78 -4.64 -27.93
CA SER A 300 15.33 -4.85 -29.27
C SER A 300 15.97 -3.56 -29.78
N LEU A 301 17.20 -3.66 -30.27
CA LEU A 301 17.96 -2.51 -30.73
C LEU A 301 17.90 -2.44 -32.26
N GLY A 302 17.77 -1.21 -32.78
CA GLY A 302 17.65 -1.03 -34.21
C GLY A 302 18.17 0.31 -34.68
N LYS A 303 18.19 0.46 -36.00
CA LYS A 303 18.62 1.69 -36.65
C LYS A 303 17.59 2.13 -37.68
N VAL A 304 17.22 3.42 -37.64
CA VAL A 304 16.23 3.96 -38.56
C VAL A 304 16.85 4.03 -39.95
N ILE A 305 16.21 3.40 -40.92
CA ILE A 305 16.72 3.44 -42.29
C ILE A 305 16.17 4.63 -43.07
N GLU A 306 14.86 4.84 -43.03
CA GLU A 306 14.21 5.99 -43.67
C GLU A 306 12.77 6.02 -43.17
N PHE A 307 11.95 6.90 -43.76
CA PHE A 307 10.54 7.03 -43.44
C PHE A 307 9.74 6.82 -44.72
N MET A 308 8.81 5.86 -44.67
CA MET A 308 8.00 5.48 -45.81
C MET A 308 6.57 5.23 -45.35
N ASP A 309 5.62 5.42 -46.26
CA ASP A 309 4.27 4.96 -46.02
C ASP A 309 4.15 3.47 -46.33
N PRO A 310 3.11 2.80 -45.81
CA PRO A 310 2.99 1.34 -46.02
C PRO A 310 3.03 0.89 -47.47
N GLU A 311 2.45 1.66 -48.39
CA GLU A 311 2.49 1.27 -49.80
C GLU A 311 3.92 1.24 -50.32
N THR A 312 4.68 2.30 -50.05
CA THR A 312 6.09 2.34 -50.45
C THR A 312 6.89 1.22 -49.79
N TYR A 313 6.62 0.93 -48.51
CA TYR A 313 7.41 -0.10 -47.83
C TYR A 313 7.16 -1.48 -48.42
N PHE A 314 5.93 -1.78 -48.84
CA PHE A 314 5.67 -3.06 -49.47
C PHE A 314 6.56 -3.25 -50.67
N CYS A 315 6.67 -2.22 -51.51
CA CYS A 315 7.56 -2.26 -52.66
C CYS A 315 9.02 -2.35 -52.23
N TYR A 316 9.42 -1.57 -51.23
CA TYR A 316 10.81 -1.65 -50.76
C TYR A 316 11.12 -3.07 -50.29
N GLU A 317 10.19 -3.66 -49.53
CA GLU A 317 10.46 -5.01 -48.96
C GLU A 317 10.60 -6.03 -50.08
N ALA A 318 9.69 -6.00 -51.04
CA ALA A 318 9.72 -6.96 -52.16
C ALA A 318 10.95 -6.74 -53.03
N LEU A 319 11.34 -5.49 -53.21
CA LEU A 319 12.57 -5.22 -53.99
C LEU A 319 13.66 -5.89 -53.19
N THR A 320 13.59 -5.80 -51.86
CA THR A 320 14.56 -6.56 -51.04
C THR A 320 14.13 -8.02 -51.22
N ASN A 321 15.02 -8.99 -51.10
CA ASN A 321 14.56 -10.37 -51.36
C ASN A 321 13.96 -10.43 -52.77
N ASP A 322 14.77 -10.15 -53.79
CA ASP A 322 14.28 -10.18 -55.20
C ASP A 322 15.01 -11.30 -55.97
N PRO A 323 14.32 -12.13 -56.79
CA PRO A 323 15.01 -13.14 -57.62
C PRO A 323 15.91 -12.38 -58.58
N SER A 324 15.43 -11.25 -59.13
CA SER A 324 16.27 -10.37 -59.98
C SER A 324 15.51 -9.06 -60.01
N MET A 325 14.22 -9.14 -59.69
CA MET A 325 13.37 -7.93 -59.63
C MET A 325 13.34 -7.23 -60.99
N PRO A 326 12.63 -7.74 -62.04
CA PRO A 326 12.52 -6.96 -63.27
C PRO A 326 11.85 -5.65 -62.93
N PRO A 327 12.43 -4.50 -63.30
CA PRO A 327 11.86 -3.23 -62.81
C PRO A 327 10.43 -2.97 -63.29
N GLU A 328 9.91 -3.82 -64.17
CA GLU A 328 8.52 -3.70 -64.59
C GLU A 328 7.56 -3.80 -63.41
N LYS A 329 7.81 -4.75 -62.49
CA LYS A 329 6.95 -4.93 -61.33
C LYS A 329 6.82 -3.62 -60.56
N LEU A 330 7.93 -2.92 -60.35
CA LEU A 330 7.86 -1.68 -59.59
C LEU A 330 7.04 -0.67 -60.37
N GLU A 331 7.18 -0.71 -61.71
CA GLU A 331 6.45 0.22 -62.58
C GLU A 331 4.94 -0.02 -62.55
N THR A 332 4.50 -1.28 -62.47
CA THR A 332 3.06 -1.52 -62.39
C THR A 332 2.46 -0.85 -61.16
N TRP A 333 3.11 -0.99 -60.03
CA TRP A 333 2.65 -0.37 -58.80
C TRP A 333 2.75 1.15 -58.85
N ALA A 334 3.72 1.70 -59.58
CA ALA A 334 3.85 3.16 -59.68
C ALA A 334 2.65 3.81 -60.38
N GLU A 335 2.34 3.41 -61.61
CA GLU A 335 1.27 4.13 -62.30
C GLU A 335 -0.12 3.61 -61.96
N ASN A 336 -0.22 2.50 -61.25
CA ASN A 336 -1.51 1.92 -60.87
C ASN A 336 -1.48 1.49 -59.41
N PRO A 337 -1.51 2.45 -58.48
CA PRO A 337 -1.43 2.10 -57.06
C PRO A 337 -2.53 1.16 -56.61
N SER A 338 -3.64 1.09 -57.35
CA SER A 338 -4.68 0.11 -57.07
C SER A 338 -4.16 -1.32 -57.17
N LYS A 339 -3.16 -1.56 -58.02
CA LYS A 339 -2.58 -2.90 -58.10
C LYS A 339 -1.60 -3.17 -56.96
N LEU A 340 -0.83 -2.15 -56.56
CA LEU A 340 -0.03 -2.24 -55.34
C LEU A 340 -0.86 -2.62 -54.12
N LYS A 341 -1.99 -1.96 -53.93
CA LYS A 341 -2.84 -2.27 -52.77
C LYS A 341 -3.31 -3.73 -52.80
N ALA A 342 -3.82 -4.18 -53.95
CA ALA A 342 -4.23 -5.57 -54.08
C ALA A 342 -3.04 -6.49 -53.81
N ALA A 343 -1.91 -6.23 -54.47
CA ALA A 343 -0.70 -7.00 -54.24
C ALA A 343 -0.34 -7.01 -52.76
N MET A 344 -0.30 -5.83 -52.14
CA MET A 344 -0.01 -5.74 -50.71
C MET A 344 -1.02 -6.53 -49.91
N GLU A 345 -2.31 -6.39 -50.24
CA GLU A 345 -3.38 -7.01 -49.47
C GLU A 345 -3.61 -8.48 -49.85
N ARG A 346 -3.03 -8.94 -50.96
CA ARG A 346 -3.04 -10.38 -51.24
C ARG A 346 -2.25 -11.19 -50.21
N GLU A 347 -1.25 -10.60 -49.55
CA GLU A 347 -0.48 -11.40 -48.62
C GLU A 347 -1.01 -11.29 -47.19
N GLN A 348 -1.80 -10.27 -46.91
CA GLN A 348 -2.28 -9.97 -45.57
C GLN A 348 -3.33 -10.99 -45.11
N ILE A 372 -1.16 17.14 -45.46
CA ILE A 372 -1.28 17.03 -46.91
C ILE A 372 -0.47 18.14 -47.58
N GLY A 373 -0.25 19.23 -46.86
CA GLY A 373 0.51 20.35 -47.39
C GLY A 373 2.00 20.25 -47.20
N GLU A 374 2.52 19.06 -46.90
CA GLU A 374 3.94 18.96 -46.60
C GLU A 374 4.67 18.17 -47.68
N PRO A 375 5.79 18.66 -48.19
CA PRO A 375 6.48 17.95 -49.27
C PRO A 375 7.18 16.70 -48.75
N VAL A 376 7.05 15.61 -49.49
CA VAL A 376 7.74 14.37 -49.11
C VAL A 376 9.21 14.51 -49.52
N SER A 377 10.10 14.48 -48.54
CA SER A 377 11.53 14.50 -48.83
C SER A 377 11.92 13.22 -49.56
N PRO A 378 12.79 13.31 -50.57
CA PRO A 378 13.20 12.08 -51.26
C PRO A 378 13.92 11.13 -50.31
N LEU A 379 13.93 9.86 -50.68
CA LEU A 379 14.66 8.86 -49.90
C LEU A 379 16.16 9.13 -49.91
N ASP A 380 16.78 9.08 -48.73
CA ASP A 380 18.23 9.11 -48.64
C ASP A 380 18.81 8.02 -49.54
N SER A 381 19.83 8.38 -50.33
CA SER A 381 20.35 7.41 -51.28
C SER A 381 20.91 6.17 -50.60
N SER A 382 21.34 6.29 -49.33
CA SER A 382 21.88 5.14 -48.62
C SER A 382 20.89 3.99 -48.52
N VAL A 383 19.58 4.26 -48.56
CA VAL A 383 18.62 3.18 -48.40
C VAL A 383 18.52 2.28 -49.63
N PHE A 384 19.11 2.69 -50.74
CA PHE A 384 19.16 1.90 -51.97
C PHE A 384 20.52 1.25 -52.20
N ASP A 385 21.39 1.26 -51.20
CA ASP A 385 22.71 0.67 -51.32
C ASP A 385 22.71 -0.86 -51.39
N PHE A 386 21.71 -1.53 -50.83
CA PHE A 386 21.69 -2.99 -50.86
C PHE A 386 21.72 -3.61 -52.27
N MET A 387 21.11 -2.98 -53.28
CA MET A 387 21.34 -3.50 -54.64
C MET A 387 22.68 -3.14 -55.27
N LYS A 388 23.47 -2.25 -54.67
CA LYS A 388 24.61 -1.72 -55.42
C LYS A 388 25.84 -2.63 -55.39
N ARG A 389 26.07 -3.36 -54.30
CA ARG A 389 27.23 -4.24 -54.25
C ARG A 389 27.00 -5.53 -55.02
N VAL A 396 29.57 -3.00 -67.90
CA VAL A 396 28.42 -3.87 -67.63
C VAL A 396 27.15 -3.02 -67.44
N VAL A 397 26.80 -2.19 -68.44
CA VAL A 397 25.65 -1.25 -68.25
C VAL A 397 24.31 -1.96 -68.42
N LEU A 398 24.31 -3.27 -68.65
CA LEU A 398 23.06 -4.03 -68.74
C LEU A 398 22.35 -4.00 -67.39
N GLU A 399 23.08 -4.23 -66.30
CA GLU A 399 22.42 -4.37 -64.96
C GLU A 399 22.58 -3.11 -64.09
N ASN A 400 23.35 -2.12 -64.54
CA ASN A 400 23.60 -0.93 -63.69
C ASN A 400 22.53 0.10 -64.02
N ILE A 401 21.49 -0.34 -64.74
CA ILE A 401 20.37 0.60 -65.05
C ILE A 401 19.45 0.62 -63.83
N LYS A 402 19.80 1.43 -62.82
CA LYS A 402 19.00 1.48 -61.57
C LYS A 402 17.84 2.44 -61.82
N ARG A 403 16.97 2.10 -62.76
CA ARG A 403 15.76 2.93 -63.02
C ARG A 403 14.85 2.72 -61.82
N LYS A 404 15.01 1.59 -61.15
CA LYS A 404 14.15 1.25 -59.98
C LYS A 404 14.34 2.31 -58.91
N GLU A 405 15.56 2.83 -58.77
CA GLU A 405 15.83 3.88 -57.77
C GLU A 405 14.99 5.11 -58.13
N GLN A 406 14.89 5.43 -59.42
CA GLN A 406 14.04 6.56 -59.85
C GLN A 406 12.57 6.11 -59.86
N LEU A 407 12.30 4.81 -59.94
CA LEU A 407 10.94 4.27 -59.80
C LEU A 407 10.48 4.28 -58.35
N MET A 408 11.34 3.83 -57.44
CA MET A 408 11.03 3.85 -56.02
C MET A 408 10.77 5.28 -55.54
N GLN A 409 11.53 6.26 -56.06
CA GLN A 409 11.35 7.63 -55.61
C GLN A 409 10.00 8.19 -56.07
N THR A 410 9.55 7.80 -57.27
CA THR A 410 8.23 8.20 -57.72
C THR A 410 7.12 7.61 -56.86
N ILE A 411 7.15 6.30 -56.62
CA ILE A 411 6.12 5.66 -55.78
C ILE A 411 6.05 6.32 -54.41
N HIS A 412 7.20 6.67 -53.85
CA HIS A 412 7.25 7.36 -52.55
C HIS A 412 6.64 8.75 -52.62
N GLN A 413 6.90 9.48 -53.71
CA GLN A 413 6.35 10.83 -53.86
C GLN A 413 4.83 10.83 -53.90
N ASN A 414 4.22 9.78 -54.46
CA ASN A 414 2.77 9.63 -54.43
C ASN A 414 2.21 9.43 -53.02
N SER A 415 3.06 9.22 -52.02
CA SER A 415 2.63 9.18 -50.63
C SER A 415 2.36 10.55 -50.03
N ALA A 416 2.44 11.63 -50.80
CA ALA A 416 2.09 12.95 -50.28
C ALA A 416 0.69 12.89 -49.68
N GLY A 417 0.58 13.23 -48.40
CA GLY A 417 -0.70 13.12 -47.71
C GLY A 417 -1.02 11.75 -47.15
N LYS A 418 0.00 10.93 -46.89
CA LYS A 418 -0.17 9.66 -46.20
C LYS A 418 0.86 9.60 -45.08
N ARG A 419 0.57 8.82 -44.05
CA ARG A 419 1.47 8.75 -42.91
C ARG A 419 2.70 7.93 -43.27
N ARG A 420 3.88 8.47 -42.97
CA ARG A 420 5.15 7.84 -43.30
C ARG A 420 5.81 7.34 -42.02
N LEU A 421 6.00 6.03 -41.93
CA LEU A 421 6.52 5.44 -40.70
C LEU A 421 8.01 5.14 -40.81
N PRO A 422 8.70 5.09 -39.68
CA PRO A 422 10.14 4.78 -39.69
C PRO A 422 10.38 3.32 -40.03
N LEU A 423 11.27 3.07 -40.99
CA LEU A 423 11.77 1.73 -41.25
C LEU A 423 13.05 1.51 -40.44
N VAL A 424 13.03 0.51 -39.57
CA VAL A 424 14.07 0.26 -38.58
C VAL A 424 14.60 -1.14 -38.79
N ARG A 425 15.93 -1.30 -38.79
CA ARG A 425 16.51 -2.63 -38.78
C ARG A 425 16.79 -3.01 -37.34
N PHE A 426 15.95 -3.90 -36.81
CA PHE A 426 16.03 -4.43 -35.45
C PHE A 426 16.88 -5.69 -35.40
N LYS A 427 17.68 -5.83 -34.34
CA LYS A 427 18.49 -7.03 -34.21
C LYS A 427 18.07 -7.77 -32.95
N ALA A 428 17.65 -9.01 -33.13
CA ALA A 428 17.22 -9.95 -32.10
C ALA A 428 18.38 -10.74 -31.52
N SER A 429 18.09 -11.46 -30.45
CA SER A 429 19.12 -12.19 -29.71
C SER A 429 19.65 -13.37 -30.53
N ASP A 430 18.83 -13.89 -31.45
CA ASP A 430 19.20 -14.94 -32.39
C ASP A 430 20.01 -14.46 -33.60
N MET A 431 20.53 -13.23 -33.61
CA MET A 431 21.36 -12.69 -34.69
C MET A 431 20.55 -12.33 -35.93
N SER A 432 19.25 -12.59 -35.97
CA SER A 432 18.46 -12.14 -37.10
C SER A 432 18.43 -10.61 -37.18
N THR A 433 18.21 -10.12 -38.40
CA THR A 433 18.18 -8.69 -38.70
C THR A 433 16.88 -8.36 -39.42
N ARG A 434 15.79 -8.36 -38.64
CA ARG A 434 14.44 -8.22 -39.18
C ARG A 434 14.12 -6.75 -39.43
N MET A 435 13.68 -6.43 -40.64
CA MET A 435 13.26 -5.08 -40.99
C MET A 435 11.76 -4.96 -40.78
N VAL A 436 11.35 -3.96 -39.99
CA VAL A 436 9.96 -3.74 -39.62
C VAL A 436 9.62 -2.27 -39.82
N LEU A 437 8.59 -2.00 -40.61
CA LEU A 437 8.00 -0.66 -40.63
C LEU A 437 7.05 -0.53 -39.45
N VAL A 438 7.47 0.26 -38.46
CA VAL A 438 6.85 0.29 -37.14
C VAL A 438 5.64 1.21 -37.11
N GLU A 439 4.38 0.62 -36.83
CA GLU A 439 3.12 1.35 -36.73
C GLU A 439 2.91 1.83 -35.30
N PRO A 440 2.15 2.90 -35.07
CA PRO A 440 1.78 3.25 -33.69
C PRO A 440 1.00 2.16 -32.99
N GLU A 441 1.27 2.02 -31.69
CA GLU A 441 0.61 1.14 -30.73
C GLU A 441 -0.04 1.97 -29.62
N ASP A 442 -0.75 1.29 -28.73
CA ASP A 442 -1.44 1.92 -27.61
C ASP A 442 -0.98 1.29 -26.30
N TRP A 443 -0.88 2.14 -25.28
CA TRP A 443 -0.61 1.81 -23.89
C TRP A 443 -1.70 2.36 -22.99
N ALA A 444 -1.93 1.63 -21.89
CA ALA A 444 -2.95 1.87 -20.89
C ALA A 444 -2.41 1.37 -19.56
N ILE A 445 -2.84 2.02 -18.47
CA ILE A 445 -2.66 1.43 -17.15
C ILE A 445 -4.01 1.12 -16.53
N GLU A 446 -4.00 0.48 -15.36
CA GLU A 446 -5.23 0.00 -14.72
C GLU A 446 -5.46 0.63 -13.35
N ASP A 447 -6.37 0.06 -12.57
CA ASP A 447 -6.65 0.54 -11.20
C ASP A 447 -6.33 -0.61 -10.25
N GLU A 448 -6.84 -0.58 -9.01
CA GLU A 448 -6.63 -1.74 -8.10
C GLU A 448 -7.13 -2.92 -8.91
N ASN A 449 -8.19 -2.68 -9.68
CA ASN A 449 -8.71 -3.72 -10.59
C ASN A 449 -8.18 -3.39 -11.98
N GLU A 450 -9.04 -3.29 -12.98
CA GLU A 450 -8.45 -3.09 -14.32
C GLU A 450 -9.10 -1.94 -15.08
N LYS A 451 -9.78 -1.02 -14.38
CA LYS A 451 -10.26 0.10 -15.21
C LYS A 451 -9.11 1.00 -15.67
N PRO A 452 -9.09 1.39 -16.95
CA PRO A 452 -7.98 2.24 -17.43
C PRO A 452 -8.06 3.66 -16.89
N LEU A 453 -6.97 4.10 -16.26
CA LEU A 453 -6.79 5.48 -15.82
C LEU A 453 -6.18 6.43 -16.85
N VAL A 454 -5.16 5.96 -17.57
CA VAL A 454 -4.40 6.70 -18.59
C VAL A 454 -4.07 5.84 -19.80
N SER A 455 -4.18 6.42 -21.00
CA SER A 455 -3.89 5.69 -22.23
C SER A 455 -3.20 6.65 -23.18
N ARG A 456 -2.34 6.07 -24.03
CA ARG A 456 -1.55 6.76 -25.04
C ARG A 456 -1.38 5.93 -26.30
N VAL A 457 -1.41 6.59 -27.46
CA VAL A 457 -1.03 6.00 -28.74
C VAL A 457 0.18 6.73 -29.27
N GLN A 458 1.25 5.98 -29.56
CA GLN A 458 2.57 6.45 -29.94
C GLN A 458 3.36 5.28 -30.51
N LEU A 459 4.38 5.59 -31.30
CA LEU A 459 5.30 4.56 -31.78
C LEU A 459 6.01 3.90 -30.60
N PRO A 460 6.24 2.59 -30.64
CA PRO A 460 6.93 1.90 -29.54
C PRO A 460 8.44 2.01 -29.62
N LEU A 461 8.94 3.25 -29.67
CA LEU A 461 10.35 3.48 -29.89
C LEU A 461 10.84 4.55 -28.93
N MET A 462 12.12 4.47 -28.57
CA MET A 462 12.84 5.56 -27.95
C MET A 462 14.28 5.54 -28.42
N LEU A 463 14.92 6.71 -28.39
CA LEU A 463 16.34 6.78 -28.71
C LEU A 463 17.12 5.93 -27.71
N ALA A 464 18.15 5.23 -28.19
CA ALA A 464 18.81 4.26 -27.34
C ALA A 464 20.33 4.21 -27.51
N TRP A 465 20.95 5.32 -27.94
CA TRP A 465 22.40 5.41 -27.78
C TRP A 465 22.76 5.41 -26.30
N SER A 466 22.08 6.23 -25.52
CA SER A 466 22.21 6.29 -24.08
C SER A 466 21.21 5.36 -23.40
N LEU A 467 21.64 4.74 -22.30
CA LEU A 467 20.83 3.80 -21.54
C LEU A 467 20.87 4.21 -20.07
N SER A 468 19.75 3.98 -19.37
CA SER A 468 19.83 4.02 -17.92
C SER A 468 20.75 2.91 -17.43
N ILE A 469 21.36 3.14 -16.26
CA ILE A 469 22.21 2.11 -15.67
C ILE A 469 21.39 0.87 -15.36
N HIS A 470 20.15 1.05 -14.92
CA HIS A 470 19.25 -0.07 -14.68
C HIS A 470 19.08 -0.96 -15.90
N LYS A 471 18.71 -0.36 -17.03
CA LYS A 471 18.47 -1.16 -18.24
C LYS A 471 19.76 -1.60 -18.90
N SER A 472 20.87 -0.93 -18.60
CA SER A 472 22.16 -1.35 -19.12
C SER A 472 22.66 -2.62 -18.47
N GLN A 473 22.13 -2.98 -17.31
CA GLN A 473 22.65 -4.12 -16.57
C GLN A 473 22.46 -5.39 -17.38
N GLY A 474 23.58 -6.07 -17.65
CA GLY A 474 23.65 -7.19 -18.56
C GLY A 474 24.33 -6.86 -19.87
N GLN A 475 24.49 -5.57 -20.20
CA GLN A 475 25.11 -5.18 -21.45
C GLN A 475 26.62 -5.17 -21.33
N THR A 476 27.29 -5.35 -22.45
CA THR A 476 28.73 -5.12 -22.58
C THR A 476 28.97 -3.96 -23.53
N LEU A 477 29.68 -2.93 -23.06
CA LEU A 477 29.77 -1.66 -23.76
C LEU A 477 31.23 -1.27 -23.91
N PRO A 478 31.85 -1.58 -25.06
CA PRO A 478 33.30 -1.33 -25.22
C PRO A 478 33.66 0.13 -25.37
N LYS A 479 32.69 1.01 -25.60
CA LYS A 479 32.90 2.45 -25.65
C LYS A 479 31.72 3.11 -24.96
N VAL A 480 31.95 3.63 -23.76
CA VAL A 480 30.86 4.05 -22.90
C VAL A 480 31.33 5.26 -22.09
N LYS A 481 30.46 6.26 -22.00
CA LYS A 481 30.64 7.39 -21.10
C LYS A 481 29.66 7.20 -19.95
N VAL A 482 30.15 7.40 -18.73
CA VAL A 482 29.34 7.20 -17.53
C VAL A 482 29.37 8.48 -16.73
N ASP A 483 28.19 9.02 -16.43
CA ASP A 483 28.08 10.16 -15.53
C ASP A 483 27.37 9.66 -14.27
N LEU A 484 28.12 9.63 -13.17
CA LEU A 484 27.64 9.12 -11.89
C LEU A 484 26.95 10.19 -11.05
N ARG A 485 26.64 11.35 -11.62
CA ARG A 485 26.24 12.49 -10.82
C ARG A 485 25.03 12.18 -9.95
N ARG A 486 24.09 11.36 -10.47
CA ARG A 486 22.83 11.13 -9.80
C ARG A 486 22.70 9.71 -9.26
N VAL A 487 23.82 9.03 -8.99
CA VAL A 487 23.76 7.68 -8.43
C VAL A 487 23.19 7.76 -7.01
N PHE A 488 22.33 6.80 -6.66
CA PHE A 488 21.75 6.83 -5.32
C PHE A 488 21.77 5.43 -4.71
N GLU A 489 21.29 4.43 -5.44
CA GLU A 489 21.22 3.09 -4.90
C GLU A 489 22.62 2.47 -4.79
N LYS A 490 22.77 1.61 -3.79
CA LYS A 490 23.98 0.79 -3.65
C LYS A 490 24.17 -0.13 -4.85
N GLY A 491 25.43 -0.21 -5.31
CA GLY A 491 25.79 -1.02 -6.45
C GLY A 491 25.65 -0.37 -7.81
N GLN A 492 25.00 0.79 -7.90
CA GLN A 492 24.74 1.40 -9.21
C GLN A 492 26.04 1.85 -9.88
N ALA A 493 26.94 2.49 -9.12
CA ALA A 493 28.21 2.91 -9.71
C ALA A 493 29.01 1.72 -10.20
N TYR A 494 29.02 0.63 -9.42
CA TYR A 494 29.75 -0.57 -9.83
C TYR A 494 29.19 -1.12 -11.14
N VAL A 495 27.86 -1.20 -11.24
CA VAL A 495 27.20 -1.69 -12.44
C VAL A 495 27.66 -0.90 -13.67
N ALA A 496 27.66 0.43 -13.57
CA ALA A 496 27.95 1.27 -14.73
C ALA A 496 29.36 1.04 -15.27
N LEU A 497 30.37 1.08 -14.41
CA LEU A 497 31.76 0.97 -14.87
C LEU A 497 32.11 -0.43 -15.37
N SER A 498 31.47 -1.46 -14.84
CA SER A 498 31.81 -2.81 -15.28
C SER A 498 31.12 -3.21 -16.58
N ARG A 499 30.33 -2.31 -17.18
CA ARG A 499 29.85 -2.55 -18.54
C ARG A 499 30.99 -2.43 -19.54
N ALA A 500 32.02 -1.67 -19.20
CA ALA A 500 33.08 -1.33 -20.14
C ALA A 500 33.94 -2.55 -20.46
N VAL A 501 34.55 -2.54 -21.64
CA VAL A 501 35.50 -3.60 -21.97
C VAL A 501 36.91 -3.18 -21.61
N SER A 502 37.40 -2.09 -22.20
CA SER A 502 38.73 -1.59 -21.92
C SER A 502 38.66 -0.22 -21.26
N ARG A 503 39.69 0.10 -20.47
CA ARG A 503 39.82 1.45 -19.91
C ARG A 503 39.94 2.51 -21.00
N GLU A 504 40.58 2.18 -22.13
CA GLU A 504 40.71 3.18 -23.17
C GLU A 504 39.35 3.58 -23.72
N GLY A 505 38.37 2.68 -23.64
CA GLY A 505 37.04 2.99 -24.10
C GLY A 505 36.07 3.37 -23.00
N LEU A 506 36.56 3.83 -21.85
CA LEU A 506 35.68 4.24 -20.75
C LEU A 506 36.02 5.63 -20.26
N GLN A 507 35.01 6.50 -20.16
CA GLN A 507 35.10 7.75 -19.43
C GLN A 507 34.12 7.76 -18.27
N VAL A 508 34.59 8.22 -17.10
CA VAL A 508 33.79 8.29 -15.88
C VAL A 508 33.81 9.74 -15.40
N LEU A 509 32.62 10.34 -15.25
CA LEU A 509 32.49 11.65 -14.64
C LEU A 509 31.83 11.56 -13.28
N ASN A 510 32.32 12.36 -12.32
CA ASN A 510 31.66 12.58 -11.03
C ASN A 510 31.68 11.34 -10.14
N PHE A 511 32.76 10.58 -10.21
CA PHE A 511 32.94 9.43 -9.32
C PHE A 511 32.99 9.88 -7.86
N ASP A 512 32.16 9.25 -7.01
CA ASP A 512 32.12 9.52 -5.56
C ASP A 512 32.03 8.21 -4.78
N ARG A 513 33.10 7.91 -4.02
CA ARG A 513 33.20 6.68 -3.24
C ARG A 513 32.17 6.55 -2.12
N THR A 514 31.63 7.65 -1.61
CA THR A 514 30.62 7.54 -0.56
C THR A 514 29.31 6.94 -1.06
N ARG A 515 29.11 6.92 -2.38
CA ARG A 515 27.91 6.40 -3.02
C ARG A 515 28.09 5.00 -3.60
N ILE A 516 29.04 4.20 -3.12
CA ILE A 516 29.25 2.88 -3.67
C ILE A 516 29.19 1.78 -2.64
N LYS A 517 28.95 2.11 -1.37
CA LYS A 517 28.93 1.11 -0.32
C LYS A 517 27.93 0.01 -0.65
N ALA A 518 28.33 -1.23 -0.42
CA ALA A 518 27.53 -2.37 -0.81
C ALA A 518 26.60 -2.71 0.35
N HIS A 519 25.52 -3.44 0.04
CA HIS A 519 24.55 -3.75 1.08
C HIS A 519 25.07 -4.92 1.90
N GLN A 520 25.06 -4.74 3.22
CA GLN A 520 25.60 -5.73 4.14
C GLN A 520 24.87 -7.07 4.00
N LYS A 521 23.56 -7.03 3.75
CA LYS A 521 22.81 -8.26 3.55
C LYS A 521 23.38 -9.09 2.41
N VAL A 522 23.88 -8.43 1.36
CA VAL A 522 24.48 -9.15 0.25
C VAL A 522 25.86 -9.69 0.64
N ILE A 523 26.67 -8.89 1.30
CA ILE A 523 27.96 -9.37 1.81
C ILE A 523 27.77 -10.62 2.67
N ASP A 524 26.84 -10.55 3.63
CA ASP A 524 26.52 -11.68 4.49
C ASP A 524 26.02 -12.89 3.69
N PHE A 525 25.08 -12.68 2.78
CA PHE A 525 24.50 -13.80 2.04
C PHE A 525 25.59 -14.54 1.27
N TYR A 526 26.53 -13.81 0.70
CA TYR A 526 27.56 -14.38 -0.15
C TYR A 526 28.57 -15.16 0.68
N LEU A 527 28.56 -14.95 2.00
CA LEU A 527 29.37 -15.74 2.93
C LEU A 527 28.94 -17.19 3.09
N THR A 528 27.80 -17.64 2.55
CA THR A 528 27.59 -19.06 2.77
C THR A 528 28.08 -19.80 1.54
N LEU A 529 28.55 -19.03 0.57
CA LEU A 529 29.09 -19.39 -0.73
C LEU A 529 30.60 -19.45 -0.56
N SER A 530 31.30 -20.24 -1.36
CA SER A 530 32.74 -20.32 -1.13
C SER A 530 33.44 -19.37 -2.10
N CYS B 1 -37.14 17.52 26.91
CA CYS B 1 -37.44 18.92 26.59
C CYS B 1 -36.80 19.21 25.25
N LEU B 2 -36.83 18.25 24.35
CA LEU B 2 -36.11 18.42 23.07
C LEU B 2 -36.76 19.52 22.27
N SER B 3 -36.01 20.09 21.34
CA SER B 3 -36.52 21.25 20.60
C SER B 3 -37.51 20.81 19.55
N LYS B 4 -38.46 21.66 19.22
CA LYS B 4 -39.33 21.37 18.08
C LYS B 4 -38.55 20.77 16.92
N GLU B 5 -37.38 21.34 16.61
CA GLU B 5 -36.60 20.80 15.50
C GLU B 5 -36.12 19.39 15.83
N GLN B 6 -35.58 19.18 17.03
CA GLN B 6 -35.10 17.85 17.40
C GLN B 6 -36.24 16.84 17.38
N GLU B 7 -37.41 17.22 17.93
CA GLU B 7 -38.52 16.27 17.95
C GLU B 7 -39.01 15.98 16.55
N SER B 8 -39.02 16.99 15.68
CA SER B 8 -39.48 16.79 14.32
C SER B 8 -38.58 15.82 13.57
N ILE B 9 -37.29 15.81 13.92
CA ILE B 9 -36.36 14.85 13.34
C ILE B 9 -36.70 13.43 13.81
N ILE B 10 -37.09 13.28 15.07
CA ILE B 10 -37.51 11.98 15.57
C ILE B 10 -38.75 11.50 14.83
N LYS B 11 -39.72 12.40 14.59
CA LYS B 11 -40.97 11.98 13.97
C LYS B 11 -40.74 11.59 12.51
N LEU B 12 -39.87 12.34 11.83
CA LEU B 12 -39.44 11.98 10.47
C LEU B 12 -38.83 10.58 10.45
N ALA B 13 -38.00 10.26 11.45
CA ALA B 13 -37.41 8.93 11.56
C ALA B 13 -38.48 7.85 11.73
N GLU B 14 -39.52 8.15 12.53
CA GLU B 14 -40.64 7.22 12.68
C GLU B 14 -41.23 6.84 11.33
N ASN B 15 -41.29 7.78 10.40
CA ASN B 15 -41.90 7.53 9.10
C ASN B 15 -41.06 6.66 8.18
N GLY B 16 -39.84 6.26 8.56
CA GLY B 16 -39.12 5.30 7.77
C GLY B 16 -38.11 5.88 6.83
N HIS B 17 -37.84 7.19 6.91
CA HIS B 17 -36.94 7.82 5.96
C HIS B 17 -35.49 7.47 6.25
N ASN B 18 -34.72 7.37 5.17
CA ASN B 18 -33.27 7.27 5.26
C ASN B 18 -32.71 8.67 5.40
N ILE B 19 -32.17 9.01 6.56
CA ILE B 19 -31.79 10.39 6.83
C ILE B 19 -30.30 10.44 7.14
N PHE B 20 -29.64 11.50 6.67
CA PHE B 20 -28.39 11.98 7.22
C PHE B 20 -28.64 13.35 7.85
N TYR B 21 -28.88 13.39 9.15
CA TYR B 21 -29.06 14.69 9.86
C TYR B 21 -27.70 15.21 10.31
N THR B 22 -27.35 16.43 9.90
CA THR B 22 -26.01 17.00 10.21
C THR B 22 -26.19 18.20 11.11
N GLY B 23 -25.13 18.62 11.76
CA GLY B 23 -25.19 19.77 12.67
C GLY B 23 -23.80 20.09 13.16
N SER B 24 -23.61 21.29 13.70
CA SER B 24 -22.26 21.74 14.12
C SER B 24 -21.74 20.90 15.29
N ALA B 25 -21.52 21.54 16.43
CA ALA B 25 -21.09 20.80 17.62
C ALA B 25 -21.98 21.21 18.77
N GLY B 26 -22.50 20.24 19.48
CA GLY B 26 -23.32 20.55 20.64
C GLY B 26 -24.74 20.73 20.25
N THR B 27 -25.09 20.38 19.02
CA THR B 27 -26.47 20.70 18.62
C THR B 27 -27.48 19.66 19.07
N GLY B 28 -27.09 18.67 19.85
CA GLY B 28 -28.04 17.69 20.36
C GLY B 28 -28.30 16.53 19.42
N LYS B 29 -27.37 16.22 18.52
CA LYS B 29 -27.60 15.15 17.56
C LYS B 29 -27.64 13.78 18.24
N SER B 30 -26.73 13.52 19.17
CA SER B 30 -26.69 12.21 19.81
C SER B 30 -27.75 12.09 20.89
N ILE B 31 -28.02 13.19 21.59
CA ILE B 31 -29.05 13.22 22.63
C ILE B 31 -30.41 12.93 22.01
N LEU B 32 -30.65 13.49 20.83
CA LEU B 32 -31.87 13.20 20.08
C LEU B 32 -31.89 11.75 19.61
N LEU B 33 -30.75 11.22 19.21
CA LEU B 33 -30.68 9.85 18.73
C LEU B 33 -31.10 8.86 19.82
N ARG B 34 -30.69 9.11 21.06
CA ARG B 34 -31.11 8.27 22.19
C ARG B 34 -32.63 8.14 22.27
N GLU B 35 -33.35 9.27 22.15
CA GLU B 35 -34.82 9.23 22.22
C GLU B 35 -35.39 8.50 21.00
N MET B 36 -34.85 8.78 19.82
CA MET B 36 -35.26 8.14 18.58
C MET B 36 -35.22 6.61 18.70
N ILE B 37 -34.17 6.07 19.33
CA ILE B 37 -34.00 4.62 19.42
C ILE B 37 -35.19 3.95 20.11
N LYS B 38 -35.76 4.60 21.14
CA LYS B 38 -36.90 3.98 21.83
C LYS B 38 -38.09 3.72 20.91
N VAL B 39 -38.36 4.64 19.98
CA VAL B 39 -39.55 4.44 19.15
C VAL B 39 -39.25 3.53 17.97
N LEU B 40 -38.02 3.57 17.43
CA LEU B 40 -37.64 2.62 16.40
C LEU B 40 -37.73 1.19 16.90
N LYS B 41 -37.35 0.94 18.16
CA LYS B 41 -37.47 -0.40 18.71
C LYS B 41 -38.92 -0.87 18.84
N GLY B 42 -39.86 0.03 19.13
CA GLY B 42 -41.24 -0.40 19.17
C GLY B 42 -41.84 -0.70 17.80
N ILE B 43 -41.31 -0.08 16.75
CA ILE B 43 -41.77 -0.41 15.40
C ILE B 43 -41.10 -1.70 14.90
N TYR B 44 -39.79 -1.87 15.15
CA TYR B 44 -39.03 -2.98 14.59
C TYR B 44 -38.74 -4.12 15.58
N GLY B 45 -38.82 -3.89 16.87
CA GLY B 45 -38.48 -4.93 17.84
C GLY B 45 -37.20 -4.61 18.61
N ARG B 46 -37.19 -4.98 19.90
CA ARG B 46 -36.16 -4.51 20.81
C ARG B 46 -34.76 -4.86 20.33
N GLU B 47 -34.58 -6.06 19.77
CA GLU B 47 -33.26 -6.50 19.34
C GLU B 47 -32.96 -6.16 17.88
N ASN B 48 -33.89 -5.50 17.19
CA ASN B 48 -33.79 -5.34 15.73
C ASN B 48 -33.45 -3.93 15.29
N VAL B 49 -32.90 -3.11 16.17
CA VAL B 49 -32.35 -1.81 15.77
C VAL B 49 -30.89 -1.81 16.17
N ALA B 50 -30.00 -1.75 15.18
CA ALA B 50 -28.57 -1.64 15.42
C ALA B 50 -28.19 -0.20 15.72
N VAL B 51 -27.68 0.04 16.93
CA VAL B 51 -27.28 1.37 17.36
C VAL B 51 -25.76 1.37 17.42
N THR B 52 -25.12 2.22 16.61
CA THR B 52 -23.70 2.06 16.29
C THR B 52 -23.09 3.42 16.06
N ALA B 53 -21.79 3.53 16.34
CA ALA B 53 -20.99 4.68 15.95
C ALA B 53 -19.58 4.22 15.56
N SER B 54 -18.79 5.18 15.04
CA SER B 54 -17.47 4.89 14.49
C SER B 54 -16.42 4.59 15.55
N THR B 55 -16.58 5.09 16.76
CA THR B 55 -15.68 4.77 17.86
C THR B 55 -16.47 4.17 19.01
N GLY B 56 -15.76 3.50 19.91
CA GLY B 56 -16.42 2.87 21.04
C GLY B 56 -17.06 3.85 22.01
N LEU B 57 -16.33 4.91 22.38
CA LEU B 57 -16.89 5.88 23.30
C LEU B 57 -18.10 6.60 22.70
N ALA B 58 -18.02 6.98 21.42
CA ALA B 58 -19.18 7.61 20.81
C ALA B 58 -20.34 6.63 20.61
N ALA B 59 -20.05 5.35 20.37
CA ALA B 59 -21.13 4.38 20.27
C ALA B 59 -21.77 4.11 21.62
N CYS B 60 -20.95 3.93 22.66
CA CYS B 60 -21.48 3.73 24.01
C CYS B 60 -22.28 4.93 24.49
N ASN B 61 -21.91 6.13 24.05
CA ASN B 61 -22.61 7.35 24.42
C ASN B 61 -24.08 7.33 24.06
N ILE B 62 -24.48 6.50 23.10
CA ILE B 62 -25.86 6.36 22.64
C ILE B 62 -26.36 4.93 22.79
N GLY B 63 -25.71 4.14 23.64
CA GLY B 63 -26.14 2.79 23.94
C GLY B 63 -25.80 1.76 22.90
N GLY B 64 -24.79 2.01 22.08
CA GLY B 64 -24.48 1.09 21.01
C GLY B 64 -23.07 0.55 21.07
N ILE B 65 -22.63 0.01 19.94
CA ILE B 65 -21.33 -0.63 19.81
C ILE B 65 -20.72 -0.14 18.50
N THR B 66 -19.45 -0.47 18.29
CA THR B 66 -18.80 -0.05 17.06
C THR B 66 -19.48 -0.72 15.88
N ILE B 67 -19.51 -0.02 14.74
CA ILE B 67 -20.04 -0.62 13.53
C ILE B 67 -19.29 -1.91 13.24
N HIS B 68 -18.00 -1.97 13.57
CA HIS B 68 -17.22 -3.16 13.31
C HIS B 68 -17.71 -4.31 14.18
N SER B 69 -17.92 -4.05 15.48
CA SER B 69 -18.42 -5.09 16.37
C SER B 69 -19.78 -5.58 15.92
N PHE B 70 -20.71 -4.67 15.62
CA PHE B 70 -22.03 -5.09 15.15
C PHE B 70 -21.93 -5.93 13.89
N ALA B 71 -21.19 -5.45 12.88
CA ALA B 71 -21.18 -6.10 11.58
C ALA B 71 -20.49 -7.46 11.64
N GLY B 72 -19.54 -7.64 12.56
CA GLY B 72 -18.77 -8.87 12.54
C GLY B 72 -17.62 -8.89 11.57
N ILE B 73 -17.11 -7.74 11.15
CA ILE B 73 -16.10 -7.68 10.10
C ILE B 73 -14.70 -7.54 10.66
N GLY B 74 -14.55 -7.51 11.98
CA GLY B 74 -13.23 -7.31 12.56
C GLY B 74 -12.67 -5.95 12.25
N LEU B 75 -11.43 -5.93 11.76
CA LEU B 75 -10.80 -4.71 11.30
C LEU B 75 -11.25 -4.27 9.91
N GLY B 76 -12.06 -5.08 9.22
CA GLY B 76 -12.55 -4.70 7.90
C GLY B 76 -11.50 -4.43 6.85
N LYS B 77 -10.38 -5.17 6.89
CA LYS B 77 -9.25 -4.81 6.04
C LYS B 77 -9.42 -5.31 4.60
N GLY B 78 -9.89 -6.54 4.43
CA GLY B 78 -9.76 -7.23 3.16
C GLY B 78 -10.82 -6.85 2.14
N ASP B 79 -10.82 -7.60 1.05
CA ASP B 79 -11.82 -7.49 -0.01
C ASP B 79 -13.22 -7.61 0.59
N ALA B 80 -14.19 -6.97 -0.04
CA ALA B 80 -15.56 -7.05 0.45
C ALA B 80 -16.03 -8.50 0.52
N ASP B 81 -15.64 -9.30 -0.47
CA ASP B 81 -16.07 -10.70 -0.53
C ASP B 81 -15.50 -11.51 0.63
N LYS B 82 -14.24 -11.26 1.01
CA LYS B 82 -13.66 -12.00 2.14
C LYS B 82 -14.36 -11.66 3.46
N LEU B 83 -14.63 -10.38 3.70
CA LEU B 83 -15.35 -9.99 4.93
C LEU B 83 -16.71 -10.66 5.01
N TYR B 84 -17.46 -10.64 3.91
CA TYR B 84 -18.77 -11.29 3.87
C TYR B 84 -18.72 -12.76 4.27
N LYS B 85 -17.71 -13.50 3.81
CA LYS B 85 -17.64 -14.92 4.20
C LYS B 85 -17.35 -15.07 5.69
N LYS B 86 -16.45 -14.25 6.23
CA LYS B 86 -16.19 -14.24 7.66
C LYS B 86 -17.46 -13.95 8.46
N VAL B 87 -18.29 -13.00 7.99
CA VAL B 87 -19.49 -12.60 8.72
C VAL B 87 -20.51 -13.74 8.78
N ARG B 88 -20.81 -14.35 7.63
CA ARG B 88 -21.86 -15.36 7.58
C ARG B 88 -21.48 -16.63 8.33
N ARG B 89 -20.20 -16.82 8.66
CA ARG B 89 -19.78 -17.90 9.53
C ARG B 89 -20.26 -17.69 10.97
N SER B 90 -20.01 -16.52 11.53
CA SER B 90 -20.44 -16.18 12.88
C SER B 90 -21.96 -16.08 12.93
N ARG B 91 -22.61 -17.06 13.56
CA ARG B 91 -24.07 -17.14 13.57
C ARG B 91 -24.71 -15.89 14.16
N LYS B 92 -24.09 -15.30 15.19
CA LYS B 92 -24.62 -14.07 15.78
C LYS B 92 -24.72 -12.95 14.75
N HIS B 93 -23.69 -12.76 13.94
CA HIS B 93 -23.68 -11.62 13.02
C HIS B 93 -24.57 -11.83 11.80
N LEU B 94 -24.72 -13.07 11.34
CA LEU B 94 -25.61 -13.32 10.21
C LEU B 94 -27.06 -13.05 10.61
N ARG B 95 -27.47 -13.55 11.77
CA ARG B 95 -28.84 -13.32 12.24
C ARG B 95 -29.14 -11.84 12.43
N ARG B 96 -28.21 -11.07 13.02
CA ARG B 96 -28.48 -9.64 13.18
C ARG B 96 -28.76 -8.97 11.85
N TRP B 97 -27.97 -9.26 10.82
CA TRP B 97 -28.17 -8.59 9.54
C TRP B 97 -29.49 -8.98 8.87
N GLU B 98 -29.95 -10.22 9.05
CA GLU B 98 -31.23 -10.57 8.43
C GLU B 98 -32.42 -9.99 9.17
N ASN B 99 -32.32 -9.80 10.49
CA ASN B 99 -33.50 -9.51 11.29
C ASN B 99 -33.68 -8.03 11.56
N ILE B 100 -32.60 -7.26 11.61
CA ILE B 100 -32.71 -5.87 12.05
C ILE B 100 -33.48 -5.09 11.00
N GLY B 101 -34.18 -4.06 11.44
CA GLY B 101 -34.84 -3.16 10.53
C GLY B 101 -34.14 -1.83 10.31
N ALA B 102 -33.31 -1.42 11.26
CA ALA B 102 -32.66 -0.12 11.18
C ALA B 102 -31.22 -0.23 11.64
N LEU B 103 -30.36 0.55 11.00
CA LEU B 103 -28.95 0.68 11.35
C LEU B 103 -28.68 2.15 11.66
N VAL B 104 -28.33 2.44 12.92
CA VAL B 104 -28.01 3.79 13.37
C VAL B 104 -26.49 3.91 13.45
N VAL B 105 -25.93 4.94 12.82
CA VAL B 105 -24.49 5.18 12.83
C VAL B 105 -24.24 6.66 13.17
N ASP B 106 -23.73 6.91 14.36
CA ASP B 106 -23.38 8.25 14.82
C ASP B 106 -21.89 8.52 14.59
N GLU B 107 -21.53 9.80 14.65
CA GLU B 107 -20.16 10.24 14.31
C GLU B 107 -19.67 9.59 13.02
N ILE B 108 -20.48 9.73 11.96
CA ILE B 108 -20.23 9.06 10.69
C ILE B 108 -19.02 9.61 9.97
N SER B 109 -18.52 10.76 10.40
CA SER B 109 -17.41 11.40 9.71
C SER B 109 -16.16 10.54 9.69
N MET B 110 -16.04 9.59 10.62
CA MET B 110 -14.86 8.74 10.74
C MET B 110 -14.96 7.43 9.97
N LEU B 111 -16.00 7.25 9.15
CA LEU B 111 -16.18 6.05 8.34
C LEU B 111 -15.82 6.34 6.89
N ASP B 112 -14.92 5.55 6.32
CA ASP B 112 -14.41 5.84 4.98
C ASP B 112 -15.34 5.25 3.93
N ALA B 113 -15.16 5.69 2.69
CA ALA B 113 -16.04 5.25 1.61
C ALA B 113 -15.98 3.75 1.41
N GLU B 114 -14.78 3.15 1.49
CA GLU B 114 -14.64 1.71 1.28
C GLU B 114 -15.44 0.89 2.28
N LEU B 115 -15.43 1.30 3.56
CA LEU B 115 -16.21 0.57 4.56
C LEU B 115 -17.69 0.61 4.25
N LEU B 116 -18.23 1.78 3.89
CA LEU B 116 -19.64 1.86 3.58
C LEU B 116 -19.99 0.93 2.42
N ASP B 117 -19.19 0.96 1.35
CA ASP B 117 -19.47 0.11 0.20
C ASP B 117 -19.40 -1.37 0.57
N LYS B 118 -18.43 -1.76 1.41
CA LYS B 118 -18.33 -3.17 1.78
C LYS B 118 -19.51 -3.55 2.67
N LEU B 119 -19.82 -2.70 3.66
CA LEU B 119 -20.99 -2.90 4.51
C LEU B 119 -22.25 -3.01 3.65
N ASP B 120 -22.35 -2.14 2.63
CA ASP B 120 -23.46 -2.21 1.70
C ASP B 120 -23.50 -3.54 0.98
N PHE B 121 -22.37 -3.96 0.40
CA PHE B 121 -22.31 -5.25 -0.25
C PHE B 121 -22.77 -6.37 0.68
N ILE B 122 -22.31 -6.33 1.93
CA ILE B 122 -22.61 -7.38 2.91
C ILE B 122 -24.10 -7.43 3.21
N ALA B 123 -24.72 -6.27 3.45
CA ALA B 123 -26.15 -6.27 3.77
C ALA B 123 -27.00 -6.76 2.62
N ARG B 124 -26.67 -6.35 1.39
CA ARG B 124 -27.43 -6.79 0.21
C ARG B 124 -27.38 -8.31 0.02
N LYS B 125 -26.20 -8.91 0.19
CA LYS B 125 -26.04 -10.34 -0.07
C LYS B 125 -26.70 -11.23 0.98
N ILE B 126 -26.56 -10.88 2.27
CA ILE B 126 -27.09 -11.73 3.32
C ILE B 126 -28.62 -11.77 3.28
N ARG B 127 -29.25 -10.64 2.99
CA ARG B 127 -30.71 -10.52 3.04
C ARG B 127 -31.39 -10.91 1.74
N LYS B 128 -30.63 -11.29 0.71
CA LYS B 128 -31.21 -11.71 -0.57
C LYS B 128 -32.13 -10.60 -1.06
N ASN B 129 -31.58 -9.39 -1.08
CA ASN B 129 -32.37 -8.17 -1.18
C ASN B 129 -31.51 -7.08 -1.80
N HIS B 130 -31.92 -6.63 -2.98
CA HIS B 130 -31.18 -5.69 -3.81
C HIS B 130 -31.42 -4.22 -3.49
N GLN B 131 -32.16 -3.90 -2.44
CA GLN B 131 -32.28 -2.52 -1.99
C GLN B 131 -30.96 -1.97 -1.45
N PRO B 132 -30.82 -0.61 -1.39
CA PRO B 132 -29.53 0.03 -1.10
C PRO B 132 -28.70 -0.63 0.00
N PHE B 133 -29.33 -1.04 1.11
CA PHE B 133 -28.65 -1.77 2.18
C PHE B 133 -29.41 -3.04 2.54
N GLY B 134 -29.88 -3.76 1.54
CA GLY B 134 -30.87 -4.81 1.77
C GLY B 134 -32.18 -4.34 2.34
N GLY B 135 -32.49 -3.05 2.26
CA GLY B 135 -33.72 -2.53 2.79
C GLY B 135 -33.67 -2.07 4.24
N ILE B 136 -32.50 -2.15 4.89
CA ILE B 136 -32.36 -1.62 6.23
C ILE B 136 -32.59 -0.12 6.21
N GLN B 137 -33.39 0.37 7.16
CA GLN B 137 -33.57 1.81 7.30
C GLN B 137 -32.30 2.44 7.85
N LEU B 138 -31.87 3.54 7.23
CA LEU B 138 -30.59 4.17 7.53
C LEU B 138 -30.83 5.45 8.32
N ILE B 139 -30.16 5.58 9.46
CA ILE B 139 -30.12 6.84 10.20
C ILE B 139 -28.64 7.13 10.41
N PHE B 140 -28.08 8.01 9.60
CA PHE B 140 -26.67 8.37 9.67
C PHE B 140 -26.56 9.76 10.29
N CYS B 141 -25.60 9.93 11.20
CA CYS B 141 -25.54 11.16 11.98
C CYS B 141 -24.11 11.56 12.25
N GLY B 142 -23.80 12.84 12.05
CA GLY B 142 -22.49 13.35 12.37
C GLY B 142 -22.26 14.70 11.74
N ASP B 143 -21.00 15.12 11.78
CA ASP B 143 -20.58 16.40 11.21
C ASP B 143 -19.25 16.17 10.51
N PHE B 144 -19.22 16.33 9.18
CA PHE B 144 -18.01 16.05 8.42
C PHE B 144 -16.96 17.14 8.54
N PHE B 145 -17.27 18.24 9.22
CA PHE B 145 -16.21 19.19 9.55
C PHE B 145 -15.40 18.71 10.75
N GLN B 146 -15.82 17.61 11.37
CA GLN B 146 -15.08 16.99 12.46
C GLN B 146 -14.14 15.94 11.85
N LEU B 147 -13.60 15.05 12.67
CA LEU B 147 -12.54 14.16 12.21
C LEU B 147 -12.96 13.29 11.03
N PRO B 148 -12.09 13.10 10.04
CA PRO B 148 -12.32 12.15 8.96
C PRO B 148 -11.92 10.75 9.38
N PRO B 149 -12.12 9.71 8.56
CA PRO B 149 -11.68 8.38 8.99
C PRO B 149 -10.17 8.40 9.15
N VAL B 150 -9.69 7.59 10.10
CA VAL B 150 -8.24 7.52 10.40
C VAL B 150 -7.52 6.79 9.29
N SER B 151 -6.69 7.51 8.53
CA SER B 151 -5.81 6.87 7.53
C SER B 151 -4.43 7.17 8.05
N THR B 158 -8.58 9.33 4.07
CA THR B 158 -9.33 8.39 3.21
C THR B 158 -10.65 8.98 2.74
N LYS B 159 -11.02 8.67 1.50
CA LYS B 159 -12.25 9.24 0.92
C LYS B 159 -13.38 9.28 1.93
N PHE B 160 -14.16 10.36 1.94
CA PHE B 160 -15.25 10.55 2.90
C PHE B 160 -16.43 9.68 2.52
N ALA B 161 -17.38 9.55 3.42
CA ALA B 161 -18.54 8.67 3.21
C ALA B 161 -19.48 9.17 2.13
N PHE B 162 -19.69 10.48 2.04
CA PHE B 162 -20.69 11.06 1.12
C PHE B 162 -20.27 10.78 -0.30
N GLU B 163 -19.05 10.30 -0.49
CA GLU B 163 -18.49 9.97 -1.82
C GLU B 163 -18.59 8.46 -2.01
N SER B 164 -19.64 7.82 -1.46
CA SER B 164 -19.80 6.35 -1.56
C SER B 164 -21.04 6.00 -2.36
N LYS B 165 -20.95 5.08 -3.31
CA LYS B 165 -22.21 4.67 -3.94
C LYS B 165 -23.24 4.28 -2.89
N ALA B 166 -22.81 3.56 -1.85
CA ALA B 166 -23.75 3.16 -0.81
C ALA B 166 -24.43 4.38 -0.21
N TRP B 167 -23.65 5.42 0.06
CA TRP B 167 -24.21 6.66 0.55
C TRP B 167 -25.19 7.25 -0.45
N LYS B 168 -24.75 7.44 -1.69
CA LYS B 168 -25.55 8.15 -2.69
C LYS B 168 -26.85 7.42 -2.98
N GLU B 169 -26.88 6.09 -2.85
CA GLU B 169 -28.14 5.38 -3.06
C GLU B 169 -28.94 5.27 -1.78
N GLY B 170 -28.27 5.28 -0.63
CA GLY B 170 -29.02 5.09 0.60
C GLY B 170 -29.56 6.37 1.22
N VAL B 171 -28.76 7.43 1.32
CA VAL B 171 -29.24 8.61 2.02
C VAL B 171 -30.23 9.32 1.10
N LYS B 172 -31.52 9.24 1.44
CA LYS B 172 -32.58 9.83 0.66
C LYS B 172 -32.89 11.28 1.00
N MET B 173 -32.53 11.71 2.20
CA MET B 173 -33.10 12.91 2.80
C MET B 173 -32.11 13.46 3.81
N THR B 174 -32.00 14.78 3.84
CA THR B 174 -31.12 15.45 4.78
C THR B 174 -31.86 16.53 5.55
N ILE B 175 -31.46 16.69 6.80
CA ILE B 175 -31.99 17.69 7.73
C ILE B 175 -30.82 18.27 8.50
N MET B 176 -30.79 19.59 8.63
CA MET B 176 -29.68 20.27 9.29
C MET B 176 -30.14 20.95 10.58
N LEU B 177 -29.48 20.62 11.68
CA LEU B 177 -29.69 21.38 12.92
C LEU B 177 -28.74 22.57 12.91
N GLN B 178 -29.14 23.62 13.60
CA GLN B 178 -28.31 24.83 13.66
C GLN B 178 -27.97 25.29 15.06
N LYS B 179 -28.86 25.11 16.04
CA LYS B 179 -28.65 25.67 17.36
C LYS B 179 -27.63 24.86 18.16
N VAL B 180 -26.60 25.54 18.64
CA VAL B 180 -25.57 24.92 19.45
C VAL B 180 -26.07 24.97 20.89
N PHE B 181 -26.15 23.80 21.53
CA PHE B 181 -26.55 23.71 22.92
C PHE B 181 -25.36 23.63 23.88
N ARG B 182 -24.33 22.86 23.52
CA ARG B 182 -23.25 22.56 24.48
C ARG B 182 -22.64 23.81 25.10
N GLN B 183 -22.38 24.83 24.28
CA GLN B 183 -21.76 26.07 24.74
C GLN B 183 -22.74 27.24 24.79
N ARG B 184 -24.05 26.95 24.99
CA ARG B 184 -25.06 27.97 24.77
C ARG B 184 -24.88 29.21 25.65
N GLY B 185 -24.13 29.11 26.76
CA GLY B 185 -23.92 30.26 27.63
C GLY B 185 -23.12 31.41 27.02
N ASP B 186 -22.38 31.18 25.94
CA ASP B 186 -21.29 32.08 25.54
C ASP B 186 -21.36 32.24 24.02
N VAL B 187 -22.08 33.27 23.56
CA VAL B 187 -22.30 33.46 22.14
C VAL B 187 -21.01 33.82 21.41
N LYS B 188 -20.15 34.63 22.04
CA LYS B 188 -18.88 34.96 21.40
C LYS B 188 -18.00 33.74 21.27
N PHE B 189 -18.01 32.86 22.27
CA PHE B 189 -17.30 31.59 22.17
C PHE B 189 -17.88 30.71 21.06
N ILE B 190 -19.21 30.71 20.92
CA ILE B 190 -19.87 29.91 19.90
C ILE B 190 -19.50 30.36 18.49
N ASP B 191 -19.42 31.67 18.27
CA ASP B 191 -19.07 32.15 16.94
C ASP B 191 -17.64 31.80 16.57
N MET B 192 -16.70 31.94 17.51
CA MET B 192 -15.33 31.49 17.26
C MET B 192 -15.29 30.02 16.87
N LEU B 193 -16.06 29.18 17.56
CA LEU B 193 -16.06 27.75 17.24
C LEU B 193 -16.71 27.47 15.90
N ASN B 194 -17.83 28.11 15.59
CA ASN B 194 -18.53 27.73 14.35
C ASN B 194 -17.70 28.11 13.13
N ARG B 195 -17.04 29.26 13.18
CA ARG B 195 -16.13 29.69 12.11
C ARG B 195 -14.84 28.86 12.08
N MET B 196 -14.36 28.46 13.26
CA MET B 196 -13.19 27.57 13.33
C MET B 196 -13.45 26.22 12.69
N ARG B 197 -14.68 25.71 12.78
CA ARG B 197 -15.07 24.49 12.08
C ARG B 197 -14.76 24.56 10.58
N LEU B 198 -15.04 25.70 9.94
CA LEU B 198 -14.85 25.86 8.50
C LEU B 198 -13.48 26.43 8.11
N GLY B 199 -12.56 26.58 9.06
CA GLY B 199 -11.24 27.07 8.70
C GLY B 199 -11.06 28.54 8.42
N ASN B 200 -11.80 29.41 9.09
CA ASN B 200 -11.80 30.85 8.83
C ASN B 200 -11.47 31.47 10.18
N ILE B 201 -10.17 31.56 10.48
CA ILE B 201 -9.71 32.06 11.77
C ILE B 201 -9.25 33.49 11.57
N ASP B 202 -9.87 34.42 12.31
CA ASP B 202 -9.48 35.81 12.32
C ASP B 202 -8.59 36.16 13.52
N ASP B 203 -8.13 37.41 13.53
CA ASP B 203 -7.20 37.87 14.56
C ASP B 203 -7.83 37.80 15.94
N GLU B 204 -9.09 38.26 16.05
CA GLU B 204 -9.81 38.32 17.31
C GLU B 204 -10.09 36.95 17.89
N THR B 205 -10.43 35.97 17.04
CA THR B 205 -10.62 34.61 17.51
C THR B 205 -9.32 34.01 18.04
N GLU B 206 -8.23 34.20 17.30
CA GLU B 206 -6.91 33.75 17.73
C GLU B 206 -6.48 34.35 19.06
N ARG B 207 -6.68 35.66 19.24
CA ARG B 207 -6.35 36.32 20.50
C ARG B 207 -7.08 35.70 21.69
N GLU B 208 -8.38 35.45 21.55
CA GLU B 208 -9.16 34.96 22.69
C GLU B 208 -8.80 33.53 23.05
N PHE B 209 -8.48 32.70 22.05
CA PHE B 209 -8.07 31.33 22.33
C PHE B 209 -6.66 31.31 22.93
N LYS B 210 -5.77 32.19 22.46
CA LYS B 210 -4.43 32.23 23.03
C LYS B 210 -4.46 32.69 24.48
N LYS B 211 -5.47 33.50 24.84
CA LYS B 211 -5.70 33.92 26.22
C LYS B 211 -6.00 32.74 27.15
N LEU B 212 -6.51 31.64 26.60
CA LEU B 212 -6.94 30.50 27.39
C LEU B 212 -5.80 29.56 27.76
N SER B 213 -4.56 29.94 27.50
CA SER B 213 -3.42 29.15 27.97
C SER B 213 -3.19 29.22 29.48
N ARG B 214 -3.82 30.16 30.19
CA ARG B 214 -3.70 30.15 31.64
C ARG B 214 -4.23 28.84 32.21
N PRO B 215 -3.65 28.35 33.31
CA PRO B 215 -4.06 27.04 33.83
C PRO B 215 -5.47 27.10 34.42
N LEU B 216 -6.12 25.93 34.48
CA LEU B 216 -7.46 25.92 35.04
C LEU B 216 -7.41 26.04 36.57
N PRO B 217 -8.54 26.36 37.20
CA PRO B 217 -8.57 26.35 38.68
C PRO B 217 -8.13 25.03 39.31
N ASP B 218 -7.44 25.15 40.44
CA ASP B 218 -6.88 24.00 41.15
C ASP B 218 -7.94 23.26 41.97
N ASP B 219 -9.22 23.62 41.80
CA ASP B 219 -10.35 23.09 42.55
C ASP B 219 -10.38 21.56 42.54
N GLU B 220 -11.08 20.96 43.50
CA GLU B 220 -11.09 19.51 43.60
C GLU B 220 -11.71 18.81 42.40
N ILE B 221 -12.25 19.53 41.42
CA ILE B 221 -12.85 18.84 40.29
C ILE B 221 -11.67 18.38 39.44
N ILE B 222 -11.53 17.08 39.23
CA ILE B 222 -10.48 16.58 38.34
C ILE B 222 -10.84 16.95 36.91
N PRO B 223 -9.98 17.66 36.18
CA PRO B 223 -10.34 18.03 34.80
C PRO B 223 -10.17 16.85 33.86
N ALA B 224 -10.99 16.86 32.80
CA ALA B 224 -10.68 16.09 31.60
C ALA B 224 -9.48 16.69 30.88
N GLU B 225 -8.74 15.85 30.17
CA GLU B 225 -7.61 16.35 29.39
C GLU B 225 -7.61 15.68 28.02
N LEU B 226 -7.40 16.48 26.97
CA LEU B 226 -7.47 16.02 25.59
C LEU B 226 -6.14 16.25 24.89
N TYR B 227 -5.65 15.24 24.17
CA TYR B 227 -4.41 15.37 23.42
C TYR B 227 -4.57 14.68 22.07
N SER B 228 -3.67 15.05 21.15
CA SER B 228 -3.73 14.51 19.81
C SER B 228 -3.23 13.06 19.76
N THR B 229 -2.17 12.77 20.53
CA THR B 229 -1.45 11.52 20.41
C THR B 229 -1.54 10.73 21.70
N ARG B 230 -1.41 9.41 21.56
CA ARG B 230 -1.54 8.50 22.70
C ARG B 230 -0.43 8.73 23.71
N MET B 231 0.76 9.14 23.26
CA MET B 231 1.87 9.40 24.17
C MET B 231 1.56 10.53 25.15
N GLU B 232 0.97 11.62 24.66
CA GLU B 232 0.51 12.67 25.57
C GLU B 232 -0.49 12.10 26.56
N VAL B 233 -1.40 11.26 26.08
CA VAL B 233 -2.48 10.72 26.90
C VAL B 233 -1.89 9.89 28.05
N GLU B 234 -0.94 9.00 27.74
CA GLU B 234 -0.36 8.18 28.80
C GLU B 234 0.34 9.01 29.88
N ARG B 235 1.12 10.04 29.50
CA ARG B 235 1.75 10.86 30.53
C ARG B 235 0.72 11.59 31.40
N ALA B 236 -0.32 12.16 30.79
CA ALA B 236 -1.30 12.89 31.58
C ALA B 236 -2.08 11.97 32.49
N ASN B 237 -2.38 10.75 32.03
CA ASN B 237 -3.09 9.81 32.88
C ASN B 237 -2.22 9.39 34.05
N ASN B 238 -0.94 9.10 33.77
CA ASN B 238 -0.03 8.68 34.82
C ASN B 238 0.30 9.80 35.79
N SER B 239 0.36 11.04 35.32
CA SER B 239 0.51 12.18 36.22
C SER B 239 -0.65 12.27 37.22
N ARG B 240 -1.89 12.25 36.72
CA ARG B 240 -3.04 12.33 37.60
C ARG B 240 -3.07 11.16 38.57
N LEU B 241 -2.69 9.97 38.10
CA LEU B 241 -2.68 8.80 38.98
C LEU B 241 -1.70 8.99 40.12
N SER B 242 -0.54 9.57 39.83
CA SER B 242 0.44 9.80 40.89
C SER B 242 -0.07 10.78 41.94
N LYS B 243 -0.98 11.69 41.58
CA LYS B 243 -1.54 12.58 42.58
C LYS B 243 -2.61 11.92 43.44
N LEU B 244 -3.23 10.84 42.97
CA LEU B 244 -4.21 10.15 43.80
C LEU B 244 -3.53 9.52 45.00
N PRO B 245 -4.07 9.69 46.22
CA PRO B 245 -3.55 8.96 47.37
C PRO B 245 -3.76 7.45 47.24
N GLY B 246 -2.79 6.68 47.70
CA GLY B 246 -2.96 5.24 47.75
C GLY B 246 -1.85 4.38 47.17
N GLN B 247 -1.80 3.13 47.62
CA GLN B 247 -0.84 2.15 47.12
C GLN B 247 -1.24 1.71 45.71
N VAL B 248 -0.26 1.69 44.81
CA VAL B 248 -0.50 1.24 43.44
C VAL B 248 -0.61 -0.28 43.43
N HIS B 249 -1.48 -0.80 42.57
CA HIS B 249 -1.60 -2.22 42.31
C HIS B 249 -1.27 -2.44 40.85
N ILE B 250 -0.30 -3.30 40.58
CA ILE B 250 0.29 -3.46 39.26
C ILE B 250 -0.16 -4.79 38.65
N PHE B 251 -0.60 -4.73 37.40
CA PHE B 251 -1.03 -5.91 36.65
C PHE B 251 -0.20 -5.91 35.37
N ASN B 252 0.82 -6.77 35.33
CA ASN B 252 1.70 -6.89 34.18
C ASN B 252 1.15 -7.92 33.20
N ALA B 253 0.94 -7.50 31.95
CA ALA B 253 0.36 -8.38 30.95
C ALA B 253 1.30 -9.53 30.61
N ILE B 254 0.71 -10.64 30.18
CA ILE B 254 1.40 -11.78 29.59
C ILE B 254 1.19 -11.70 28.09
N ASP B 255 2.25 -11.49 27.31
CA ASP B 255 2.10 -11.33 25.87
C ASP B 255 2.61 -12.58 25.16
N GLY B 256 1.96 -12.90 24.03
CA GLY B 256 2.46 -13.91 23.12
C GLY B 256 2.14 -13.83 21.64
N GLY B 257 2.38 -14.95 20.96
CA GLY B 257 2.15 -14.99 19.49
C GLY B 257 2.94 -16.09 18.85
N ALA B 258 2.89 -16.17 17.51
CA ALA B 258 3.64 -17.21 16.78
C ALA B 258 4.70 -16.58 15.91
N LEU B 259 4.55 -15.28 15.64
CA LEU B 259 5.50 -14.61 14.72
C LEU B 259 6.85 -14.44 15.43
N GLU B 260 7.96 -14.53 14.68
CA GLU B 260 9.33 -14.34 15.20
C GLU B 260 9.54 -12.85 15.54
N ASP B 261 10.42 -12.53 16.49
CA ASP B 261 10.58 -11.14 16.98
C ASP B 261 11.23 -10.14 16.00
N GLU B 262 12.39 -9.57 16.36
CA GLU B 262 13.05 -8.48 15.57
C GLU B 262 12.26 -7.22 15.91
N GLU B 263 11.37 -7.29 16.92
CA GLU B 263 10.51 -6.15 17.36
C GLU B 263 9.34 -5.99 16.39
N LEU B 264 9.18 -6.92 15.47
CA LEU B 264 8.00 -6.88 14.58
C LEU B 264 6.77 -7.05 15.48
N LYS B 265 6.88 -7.90 16.48
CA LYS B 265 5.77 -8.13 17.44
C LYS B 265 5.41 -6.86 18.20
N GLU B 266 6.40 -6.11 18.70
CA GLU B 266 6.09 -4.93 19.54
C GLU B 266 5.30 -3.91 18.73
N ARG B 267 5.68 -3.71 17.47
CA ARG B 267 4.99 -2.73 16.61
C ARG B 267 3.51 -3.10 16.60
N LEU B 268 3.23 -4.39 16.45
CA LEU B 268 1.83 -4.85 16.42
C LEU B 268 1.18 -4.80 17.80
N LEU B 269 1.95 -5.08 18.86
CA LEU B 269 1.44 -5.04 20.23
C LEU B 269 0.96 -3.67 20.69
N GLN B 270 1.57 -2.58 20.22
CA GLN B 270 1.17 -1.24 20.67
C GLN B 270 -0.32 -0.94 20.46
N ASN B 271 -0.87 -1.35 19.31
CA ASN B 271 -2.25 -1.04 18.89
C ASN B 271 -3.35 -1.93 19.51
N PHE B 272 -3.06 -2.80 20.49
CA PHE B 272 -4.15 -3.35 21.30
C PHE B 272 -4.71 -2.44 22.38
N LEU B 273 -4.08 -1.29 22.65
CA LEU B 273 -4.66 -0.22 23.45
C LEU B 273 -4.65 -0.62 24.92
N ALA B 274 -4.43 -1.91 25.20
CA ALA B 274 -4.29 -2.13 26.63
C ALA B 274 -2.81 -2.18 26.94
N PRO B 275 -2.31 -1.63 28.04
CA PRO B 275 -0.87 -1.53 28.20
C PRO B 275 -0.24 -2.87 28.55
N LYS B 276 1.07 -2.96 28.31
CA LYS B 276 1.81 -4.13 28.78
C LYS B 276 1.82 -4.13 30.30
N GLU B 277 1.90 -2.94 30.88
CA GLU B 277 1.97 -2.69 32.30
C GLU B 277 0.82 -1.75 32.65
N LEU B 278 -0.22 -2.28 33.27
CA LEU B 278 -1.40 -1.52 33.64
C LEU B 278 -1.25 -1.18 35.12
N HIS B 279 -1.18 0.11 35.43
CA HIS B 279 -1.05 0.57 36.80
C HIS B 279 -2.35 1.25 37.24
N LEU B 280 -2.81 0.86 38.41
CA LEU B 280 -4.10 1.27 38.94
C LEU B 280 -3.96 1.57 40.42
N LYS B 281 -4.87 2.40 40.92
CA LYS B 281 -4.97 2.70 42.34
C LYS B 281 -6.45 2.82 42.69
N VAL B 282 -6.75 2.68 43.98
CA VAL B 282 -8.07 3.03 44.46
C VAL B 282 -8.41 4.43 43.98
N GLY B 283 -9.62 4.60 43.44
CA GLY B 283 -10.04 5.88 42.94
C GLY B 283 -9.66 6.18 41.49
N ALA B 284 -8.86 5.33 40.86
CA ALA B 284 -8.48 5.56 39.47
C ALA B 284 -9.69 5.54 38.55
N GLN B 285 -9.69 6.44 37.58
CA GLN B 285 -10.70 6.48 36.53
C GLN B 285 -10.27 5.60 35.36
N VAL B 286 -11.13 4.67 34.97
CA VAL B 286 -10.79 3.65 33.99
C VAL B 286 -11.84 3.60 32.88
N MET B 287 -11.44 3.01 31.76
CA MET B 287 -12.34 2.78 30.63
C MET B 287 -12.31 1.30 30.26
N MET B 288 -13.48 0.73 30.03
CA MET B 288 -13.55 -0.62 29.48
C MET B 288 -13.13 -0.57 28.01
N VAL B 289 -12.32 -1.54 27.59
CA VAL B 289 -11.84 -1.53 26.22
C VAL B 289 -12.19 -2.80 25.45
N LYS B 290 -13.03 -3.65 26.04
CA LYS B 290 -13.53 -4.84 25.36
C LYS B 290 -15.05 -4.88 25.47
N ASN B 291 -15.69 -5.48 24.48
CA ASN B 291 -17.15 -5.63 24.47
C ASN B 291 -17.45 -6.92 25.21
N LEU B 292 -17.85 -6.80 26.48
CA LEU B 292 -18.05 -7.95 27.35
C LEU B 292 -19.49 -8.44 27.40
N ASP B 293 -20.48 -7.55 27.54
CA ASP B 293 -21.87 -7.99 27.50
C ASP B 293 -22.73 -6.87 26.93
N ALA B 294 -24.05 -7.00 27.10
CA ALA B 294 -25.00 -6.10 26.46
C ALA B 294 -24.82 -4.65 26.89
N THR B 295 -24.40 -4.41 28.13
CA THR B 295 -24.32 -3.07 28.69
C THR B 295 -22.93 -2.74 29.23
N LEU B 296 -21.95 -3.59 28.93
CA LEU B 296 -20.54 -3.40 29.28
C LEU B 296 -19.69 -3.54 28.03
N VAL B 297 -19.29 -2.41 27.46
CA VAL B 297 -18.76 -2.36 26.11
C VAL B 297 -17.56 -1.42 26.09
N ASN B 298 -16.83 -1.46 24.99
CA ASN B 298 -15.71 -0.56 24.75
C ASN B 298 -16.16 0.90 24.86
N GLY B 299 -15.60 1.61 25.84
CA GLY B 299 -15.96 2.99 26.12
C GLY B 299 -16.70 3.25 27.42
N SER B 300 -17.16 2.23 28.13
CA SER B 300 -17.81 2.45 29.42
C SER B 300 -16.80 2.98 30.43
N LEU B 301 -17.15 4.09 31.09
CA LEU B 301 -16.26 4.76 32.03
C LEU B 301 -16.62 4.39 33.47
N GLY B 302 -15.58 4.20 34.29
CA GLY B 302 -15.79 3.78 35.67
C GLY B 302 -14.69 4.25 36.61
N LYS B 303 -14.91 3.97 37.89
CA LYS B 303 -13.95 4.29 38.94
C LYS B 303 -13.67 3.08 39.80
N VAL B 304 -12.38 2.85 40.07
CA VAL B 304 -11.93 1.71 40.86
C VAL B 304 -12.32 1.92 42.31
N ILE B 305 -13.02 0.95 42.89
CA ILE B 305 -13.43 1.06 44.29
C ILE B 305 -12.35 0.50 45.21
N GLU B 306 -11.83 -0.68 44.89
CA GLU B 306 -10.75 -1.33 45.62
C GLU B 306 -10.28 -2.52 44.80
N PHE B 307 -9.40 -3.33 45.40
CA PHE B 307 -8.88 -4.53 44.77
C PHE B 307 -9.22 -5.67 45.71
N MET B 308 -9.92 -6.68 45.17
CA MET B 308 -10.40 -7.82 45.92
C MET B 308 -10.21 -9.06 45.05
N ASP B 309 -10.03 -10.20 45.69
CA ASP B 309 -10.11 -11.45 44.97
C ASP B 309 -11.56 -11.91 44.79
N PRO B 310 -11.81 -12.80 43.84
CA PRO B 310 -13.19 -13.24 43.56
C PRO B 310 -13.93 -13.78 44.78
N GLU B 311 -13.23 -14.46 45.67
CA GLU B 311 -13.87 -15.00 46.87
C GLU B 311 -14.41 -13.88 47.74
N THR B 312 -13.56 -12.87 48.02
CA THR B 312 -13.97 -11.68 48.77
C THR B 312 -15.08 -10.92 48.06
N TYR B 313 -15.01 -10.82 46.73
CA TYR B 313 -15.99 -10.02 45.99
C TYR B 313 -17.38 -10.61 46.06
N PHE B 314 -17.51 -11.94 46.09
CA PHE B 314 -18.85 -12.51 46.22
C PHE B 314 -19.51 -12.00 47.50
N CYS B 315 -18.76 -12.01 48.61
CA CYS B 315 -19.29 -11.46 49.86
C CYS B 315 -19.55 -9.97 49.75
N TYR B 316 -18.61 -9.21 49.16
CA TYR B 316 -18.85 -7.78 48.99
C TYR B 316 -20.09 -7.55 48.15
N GLU B 317 -20.21 -8.30 47.04
CA GLU B 317 -21.39 -8.16 46.20
C GLU B 317 -22.61 -8.56 47.00
N ALA B 318 -22.48 -9.61 47.82
CA ALA B 318 -23.55 -10.02 48.71
C ALA B 318 -23.87 -8.91 49.70
N LEU B 319 -22.84 -8.20 50.20
CA LEU B 319 -23.11 -7.09 51.12
C LEU B 319 -23.80 -5.96 50.39
N THR B 320 -23.29 -5.60 49.23
CA THR B 320 -24.03 -4.59 48.44
C THR B 320 -25.25 -5.36 47.97
N ASN B 321 -26.29 -4.70 47.51
CA ASN B 321 -27.45 -5.52 47.11
C ASN B 321 -27.80 -6.42 48.29
N ASP B 322 -27.68 -5.94 49.52
CA ASP B 322 -28.14 -6.76 50.68
C ASP B 322 -29.58 -6.37 50.90
N PRO B 323 -30.56 -7.31 51.05
CA PRO B 323 -31.92 -6.90 51.39
C PRO B 323 -31.84 -6.30 52.80
N SER B 324 -31.46 -7.09 53.80
CA SER B 324 -31.20 -6.57 55.16
C SER B 324 -30.10 -7.47 55.71
N MET B 325 -28.86 -7.29 55.25
CA MET B 325 -27.83 -8.29 55.63
C MET B 325 -27.71 -8.42 57.14
N PRO B 326 -27.84 -9.65 57.69
CA PRO B 326 -27.59 -9.88 59.10
C PRO B 326 -26.08 -10.15 59.19
N PRO B 327 -25.39 -9.64 60.22
CA PRO B 327 -23.94 -9.79 60.30
C PRO B 327 -23.44 -11.23 60.37
N GLU B 328 -24.23 -12.11 60.97
CA GLU B 328 -23.74 -13.50 61.22
C GLU B 328 -23.35 -14.25 59.93
N LYS B 329 -24.10 -14.12 58.83
CA LYS B 329 -23.77 -14.93 57.63
C LYS B 329 -22.39 -14.52 57.12
N LEU B 330 -22.04 -13.25 57.13
CA LEU B 330 -20.73 -12.89 56.55
C LEU B 330 -19.66 -13.61 57.35
N GLU B 331 -19.78 -13.60 58.67
CA GLU B 331 -18.80 -14.30 59.54
C GLU B 331 -18.80 -15.79 59.18
N THR B 332 -19.96 -16.33 58.80
CA THR B 332 -19.95 -17.73 58.37
C THR B 332 -19.06 -17.93 57.14
N TRP B 333 -19.19 -17.06 56.14
CA TRP B 333 -18.34 -17.20 54.95
C TRP B 333 -16.89 -16.93 55.29
N ALA B 334 -16.64 -16.07 56.27
CA ALA B 334 -15.27 -15.78 56.70
C ALA B 334 -14.63 -17.03 57.30
N GLU B 335 -15.28 -17.61 58.30
CA GLU B 335 -14.74 -18.71 59.08
C GLU B 335 -14.99 -20.07 58.42
N ASN B 336 -15.79 -20.13 57.36
CA ASN B 336 -16.08 -21.38 56.65
C ASN B 336 -16.03 -21.12 55.15
N PRO B 337 -14.83 -20.94 54.60
CA PRO B 337 -14.70 -20.64 53.16
C PRO B 337 -15.33 -21.68 52.25
N SER B 338 -15.53 -22.91 52.71
CA SER B 338 -16.25 -23.90 51.92
C SER B 338 -17.68 -23.49 51.58
N LYS B 339 -18.35 -22.72 52.45
CA LYS B 339 -19.69 -22.25 52.09
C LYS B 339 -19.66 -21.06 51.15
N LEU B 340 -18.70 -20.14 51.33
CA LEU B 340 -18.47 -19.10 50.35
C LEU B 340 -18.25 -19.70 48.97
N LYS B 341 -17.43 -20.74 48.90
CA LYS B 341 -17.16 -21.39 47.62
C LYS B 341 -18.44 -21.98 47.02
N ALA B 342 -19.20 -22.72 47.83
CA ALA B 342 -20.49 -23.26 47.39
C ALA B 342 -21.47 -22.15 46.98
N ALA B 343 -21.62 -21.15 47.86
CA ALA B 343 -22.48 -19.98 47.60
C ALA B 343 -22.13 -19.28 46.30
N MET B 344 -20.84 -18.99 46.09
CA MET B 344 -20.40 -18.33 44.86
C MET B 344 -20.77 -19.14 43.62
N GLU B 345 -20.54 -20.45 43.65
CA GLU B 345 -20.76 -21.32 42.49
C GLU B 345 -22.21 -21.74 42.32
N ARG B 346 -23.07 -21.49 43.31
CA ARG B 346 -24.51 -21.66 43.11
C ARG B 346 -25.07 -20.74 42.04
N GLU B 347 -24.44 -19.59 41.76
CA GLU B 347 -25.02 -18.71 40.76
C GLU B 347 -24.45 -18.96 39.37
N GLN B 348 -23.30 -19.63 39.29
CA GLN B 348 -22.60 -19.83 38.02
C GLN B 348 -23.33 -20.82 37.13
N ILE B 372 2.23 -15.22 46.75
CA ILE B 372 1.68 -16.35 47.49
C ILE B 372 1.76 -16.03 48.98
N GLY B 373 2.70 -15.16 49.34
CA GLY B 373 2.91 -14.76 50.72
C GLY B 373 2.84 -13.26 50.86
N GLU B 374 2.38 -12.60 49.81
CA GLU B 374 2.37 -11.14 49.76
C GLU B 374 1.39 -10.61 50.79
N PRO B 375 1.76 -9.61 51.60
CA PRO B 375 0.84 -9.17 52.64
C PRO B 375 -0.34 -8.41 52.05
N VAL B 376 -1.53 -8.73 52.55
CA VAL B 376 -2.76 -8.08 52.11
C VAL B 376 -2.91 -6.70 52.74
N SER B 377 -2.92 -5.66 51.90
CA SER B 377 -3.18 -4.32 52.38
C SER B 377 -4.63 -4.24 52.86
N PRO B 378 -4.91 -3.55 53.98
CA PRO B 378 -6.31 -3.45 54.41
C PRO B 378 -7.16 -2.70 53.39
N LEU B 379 -8.46 -2.93 53.45
CA LEU B 379 -9.40 -2.23 52.57
C LEU B 379 -9.45 -0.73 52.82
N ASP B 380 -9.38 0.05 51.75
CA ASP B 380 -9.66 1.47 51.84
C ASP B 380 -11.03 1.65 52.48
N SER B 381 -11.11 2.57 53.45
CA SER B 381 -12.35 2.73 54.20
C SER B 381 -13.53 3.14 53.32
N SER B 382 -13.27 3.74 52.16
CA SER B 382 -14.33 4.17 51.26
C SER B 382 -15.27 3.05 50.81
N VAL B 383 -14.81 1.79 50.79
CA VAL B 383 -15.71 0.74 50.30
C VAL B 383 -16.85 0.42 51.25
N PHE B 384 -16.79 0.90 52.49
CA PHE B 384 -17.88 0.68 53.43
C PHE B 384 -18.74 1.93 53.63
N ASP B 385 -18.56 2.96 52.79
CA ASP B 385 -19.39 4.16 52.93
C ASP B 385 -20.84 3.94 52.52
N PHE B 386 -21.09 2.99 51.60
CA PHE B 386 -22.46 2.72 51.17
C PHE B 386 -23.35 2.31 52.34
N MET B 387 -22.78 1.64 53.34
CA MET B 387 -23.50 1.37 54.59
C MET B 387 -23.66 2.62 55.44
N LYS B 388 -22.56 3.35 55.67
CA LYS B 388 -22.57 4.41 56.67
C LYS B 388 -23.16 5.70 56.10
N ILE B 401 -23.75 -2.07 64.82
CA ILE B 401 -24.40 -3.04 63.89
C ILE B 401 -23.62 -3.07 62.58
N LYS B 402 -22.82 -2.03 62.30
CA LYS B 402 -21.92 -2.05 61.11
C LYS B 402 -20.60 -2.66 61.56
N ARG B 403 -20.65 -3.82 62.22
CA ARG B 403 -19.42 -4.55 62.61
C ARG B 403 -19.16 -5.48 61.45
N LYS B 404 -20.01 -5.41 60.42
CA LYS B 404 -19.78 -6.19 59.19
C LYS B 404 -18.49 -5.71 58.55
N GLU B 405 -18.08 -4.48 58.84
CA GLU B 405 -16.87 -3.95 58.19
C GLU B 405 -15.70 -4.85 58.56
N GLN B 406 -15.58 -5.21 59.82
CA GLN B 406 -14.42 -6.01 60.24
C GLN B 406 -14.59 -7.39 59.62
N LEU B 407 -15.83 -7.84 59.47
CA LEU B 407 -16.08 -9.13 58.80
C LEU B 407 -15.61 -9.04 57.36
N MET B 408 -15.85 -7.93 56.66
CA MET B 408 -15.44 -7.89 55.24
C MET B 408 -13.96 -7.55 55.13
N GLN B 409 -13.34 -7.01 56.18
CA GLN B 409 -11.89 -6.81 56.16
C GLN B 409 -11.15 -8.10 56.49
N THR B 410 -11.71 -8.92 57.37
CA THR B 410 -11.12 -10.23 57.65
C THR B 410 -11.15 -11.13 56.43
N ILE B 411 -12.31 -11.16 55.76
CA ILE B 411 -12.41 -11.97 54.51
C ILE B 411 -11.25 -11.58 53.58
N HIS B 412 -10.98 -10.29 53.44
CA HIS B 412 -9.92 -9.93 52.48
C HIS B 412 -8.59 -10.43 52.98
N GLN B 413 -8.35 -10.34 54.28
CA GLN B 413 -7.00 -10.70 54.77
C GLN B 413 -6.79 -12.16 54.39
N ASN B 414 -7.89 -12.91 54.32
CA ASN B 414 -7.75 -14.29 53.82
C ASN B 414 -7.76 -14.20 52.31
N SER B 415 -6.78 -13.50 51.70
CA SER B 415 -6.65 -13.50 50.22
C SER B 415 -5.20 -13.76 49.89
N ALA B 416 -4.44 -14.22 50.87
CA ALA B 416 -3.01 -14.38 50.58
C ALA B 416 -2.85 -15.39 49.47
N GLY B 417 -2.04 -15.08 48.45
CA GLY B 417 -1.77 -16.05 47.37
C GLY B 417 -2.90 -16.18 46.38
N LYS B 418 -3.91 -15.32 46.48
CA LYS B 418 -4.99 -15.32 45.52
C LYS B 418 -4.93 -14.06 44.68
N ARG B 419 -5.46 -14.13 43.47
CA ARG B 419 -5.40 -13.00 42.55
C ARG B 419 -6.40 -11.94 42.98
N ARG B 420 -5.95 -10.69 43.06
CA ARG B 420 -6.80 -9.60 43.52
C ARG B 420 -7.10 -8.68 42.34
N LEU B 421 -8.38 -8.59 41.98
CA LEU B 421 -8.77 -7.83 40.80
C LEU B 421 -9.32 -6.46 41.18
N PRO B 422 -9.26 -5.50 40.26
CA PRO B 422 -9.82 -4.16 40.55
C PRO B 422 -11.34 -4.23 40.56
N LEU B 423 -11.94 -3.70 41.63
CA LEU B 423 -13.39 -3.51 41.64
C LEU B 423 -13.73 -2.11 41.13
N VAL B 424 -14.50 -2.05 40.05
CA VAL B 424 -14.78 -0.85 39.28
C VAL B 424 -16.28 -0.61 39.22
N ARG B 425 -16.72 0.62 39.46
CA ARG B 425 -18.12 0.94 39.22
C ARG B 425 -18.23 1.49 37.80
N PHE B 426 -18.77 0.67 36.91
CA PHE B 426 -18.98 1.04 35.51
C PHE B 426 -20.35 1.66 35.32
N LYS B 427 -20.44 2.68 34.48
CA LYS B 427 -21.72 3.31 34.23
C LYS B 427 -22.00 3.11 32.75
N ALA B 428 -23.12 2.45 32.46
CA ALA B 428 -23.60 2.14 31.13
C ALA B 428 -24.42 3.28 30.54
N SER B 429 -24.72 3.12 29.25
CA SER B 429 -25.39 4.17 28.50
C SER B 429 -26.84 4.33 28.94
N ASP B 430 -27.43 3.27 29.49
CA ASP B 430 -28.76 3.32 30.08
C ASP B 430 -28.79 3.94 31.47
N MET B 431 -27.69 4.58 31.90
CA MET B 431 -27.53 5.27 33.18
C MET B 431 -27.36 4.30 34.36
N SER B 432 -27.44 3.00 34.14
CA SER B 432 -27.15 2.04 35.19
C SER B 432 -25.68 2.12 35.61
N THR B 433 -25.42 1.70 36.84
CA THR B 433 -24.08 1.71 37.43
C THR B 433 -23.77 0.32 37.96
N ARG B 434 -23.22 -0.53 37.08
CA ARG B 434 -22.99 -1.93 37.37
C ARG B 434 -21.62 -2.10 38.03
N MET B 435 -21.60 -2.82 39.14
CA MET B 435 -20.34 -3.08 39.83
C MET B 435 -19.81 -4.41 39.31
N VAL B 436 -18.57 -4.38 38.82
CA VAL B 436 -17.93 -5.53 38.18
C VAL B 436 -16.52 -5.73 38.73
N LEU B 437 -16.26 -6.92 39.26
CA LEU B 437 -14.88 -7.35 39.51
C LEU B 437 -14.31 -7.82 38.19
N VAL B 438 -13.39 -7.05 37.63
CA VAL B 438 -12.97 -7.20 36.24
C VAL B 438 -11.93 -8.29 36.12
N GLU B 439 -12.27 -9.37 35.34
CA GLU B 439 -11.42 -10.53 35.11
C GLU B 439 -10.53 -10.26 33.89
N PRO B 440 -9.35 -10.87 33.78
CA PRO B 440 -8.58 -10.77 32.54
C PRO B 440 -9.30 -11.32 31.32
N GLU B 441 -9.08 -10.65 30.19
CA GLU B 441 -9.52 -11.03 28.86
C GLU B 441 -8.32 -11.27 27.97
N ASP B 442 -8.56 -11.75 26.74
CA ASP B 442 -7.49 -12.01 25.78
C ASP B 442 -7.78 -11.25 24.49
N TRP B 443 -6.71 -10.73 23.88
CA TRP B 443 -6.74 -10.11 22.56
C TRP B 443 -5.74 -10.76 21.61
N ALA B 444 -6.10 -10.79 20.33
CA ALA B 444 -5.28 -11.36 19.29
C ALA B 444 -5.58 -10.58 18.03
N ILE B 445 -4.55 -10.42 17.19
CA ILE B 445 -4.67 -10.00 15.80
C ILE B 445 -4.13 -11.06 14.85
N GLU B 446 -4.91 -11.36 13.81
CA GLU B 446 -4.63 -12.43 12.87
C GLU B 446 -4.50 -11.74 11.51
N ASP B 447 -3.88 -12.42 10.55
CA ASP B 447 -3.82 -11.78 9.23
C ASP B 447 -4.15 -12.70 8.05
N GLU B 448 -4.13 -12.16 6.83
CA GLU B 448 -4.43 -12.92 5.60
C GLU B 448 -5.72 -13.74 5.73
N ASN B 449 -5.69 -15.06 5.45
CA ASN B 449 -6.86 -15.97 5.62
C ASN B 449 -7.22 -15.99 7.10
N GLU B 450 -6.22 -15.91 7.99
CA GLU B 450 -6.35 -15.89 9.47
C GLU B 450 -5.33 -16.87 10.05
N LYS B 451 -4.51 -16.42 11.00
CA LYS B 451 -3.54 -17.30 11.67
C LYS B 451 -3.00 -16.46 12.83
N PRO B 452 -3.02 -16.90 14.11
CA PRO B 452 -2.61 -16.02 15.19
C PRO B 452 -1.21 -15.48 14.91
N LEU B 453 -1.04 -14.16 14.95
CA LEU B 453 0.28 -13.52 14.71
C LEU B 453 0.75 -12.93 16.03
N VAL B 454 -0.14 -12.18 16.68
CA VAL B 454 0.18 -11.54 17.97
C VAL B 454 -1.01 -11.71 18.88
N SER B 455 -0.78 -12.00 20.15
CA SER B 455 -1.84 -12.20 21.12
C SER B 455 -1.39 -11.61 22.45
N ARG B 456 -2.37 -11.17 23.24
CA ARG B 456 -2.18 -10.58 24.56
C ARG B 456 -3.31 -10.97 25.50
N VAL B 457 -2.95 -11.24 26.75
CA VAL B 457 -3.90 -11.40 27.85
C VAL B 457 -3.65 -10.29 28.88
N GLN B 458 -4.71 -9.55 29.19
CA GLN B 458 -4.66 -8.36 30.04
C GLN B 458 -6.09 -7.99 30.43
N LEU B 459 -6.21 -7.24 31.52
CA LEU B 459 -7.50 -6.68 31.91
C LEU B 459 -8.02 -5.73 30.85
N PRO B 460 -9.33 -5.73 30.59
CA PRO B 460 -9.93 -4.85 29.57
C PRO B 460 -10.17 -3.43 30.09
N LEU B 461 -9.09 -2.79 30.54
CA LEU B 461 -9.16 -1.49 31.20
C LEU B 461 -8.07 -0.59 30.62
N MET B 462 -8.36 0.71 30.64
CA MET B 462 -7.33 1.73 30.45
C MET B 462 -7.63 2.95 31.31
N LEU B 463 -6.59 3.69 31.67
CA LEU B 463 -6.77 4.95 32.39
C LEU B 463 -7.57 5.92 31.51
N ALA B 464 -8.48 6.66 32.13
CA ALA B 464 -9.37 7.45 31.28
C ALA B 464 -9.71 8.83 31.83
N TRP B 465 -8.84 9.42 32.65
CA TRP B 465 -8.99 10.85 32.89
C TRP B 465 -8.75 11.65 31.61
N SER B 466 -7.65 11.32 30.93
CA SER B 466 -7.30 11.89 29.63
C SER B 466 -7.84 11.05 28.48
N LEU B 467 -8.24 11.72 27.40
CA LEU B 467 -8.81 11.06 26.24
C LEU B 467 -8.09 11.57 24.99
N SER B 468 -7.92 10.69 24.01
CA SER B 468 -7.56 11.15 22.67
C SER B 468 -8.67 12.03 22.10
N ILE B 469 -8.28 12.95 21.22
CA ILE B 469 -9.28 13.79 20.55
C ILE B 469 -10.23 12.92 19.72
N HIS B 470 -9.69 11.89 19.06
CA HIS B 470 -10.54 10.96 18.31
C HIS B 470 -11.64 10.36 19.17
N LYS B 471 -11.26 9.77 20.29
CA LYS B 471 -12.24 9.10 21.16
C LYS B 471 -13.06 10.09 21.96
N SER B 472 -12.59 11.33 22.11
CA SER B 472 -13.36 12.37 22.78
C SER B 472 -14.55 12.84 21.95
N GLN B 473 -14.53 12.62 20.65
CA GLN B 473 -15.57 13.17 19.79
C GLN B 473 -16.94 12.60 20.17
N GLY B 474 -17.87 13.48 20.52
CA GLY B 474 -19.14 13.13 21.08
C GLY B 474 -19.27 13.41 22.57
N GLN B 475 -18.15 13.65 23.26
CA GLN B 475 -18.19 13.89 24.69
C GLN B 475 -18.50 15.36 24.96
N THR B 476 -19.08 15.63 26.12
CA THR B 476 -19.21 16.99 26.64
C THR B 476 -18.39 17.12 27.91
N LEU B 477 -17.47 18.08 27.93
CA LEU B 477 -16.44 18.17 28.97
C LEU B 477 -16.44 19.59 29.54
N PRO B 478 -17.13 19.82 30.66
CA PRO B 478 -17.24 21.19 31.19
C PRO B 478 -15.95 21.70 31.83
N LYS B 479 -14.98 20.83 32.07
CA LYS B 479 -13.66 21.22 32.59
C LYS B 479 -12.64 20.37 31.85
N VAL B 480 -11.92 20.99 30.92
CA VAL B 480 -11.08 20.24 30.00
C VAL B 480 -9.85 21.07 29.66
N LYS B 481 -8.69 20.41 29.66
CA LYS B 481 -7.45 20.98 29.17
C LYS B 481 -7.12 20.34 27.83
N VAL B 482 -6.75 21.16 26.85
CA VAL B 482 -6.44 20.70 25.51
C VAL B 482 -5.04 21.16 25.12
N ASP B 483 -4.19 20.23 24.72
CA ASP B 483 -2.87 20.56 24.16
C ASP B 483 -2.89 20.16 22.69
N LEU B 484 -2.83 21.16 21.82
CA LEU B 484 -2.91 20.98 20.38
C LEU B 484 -1.56 20.75 19.72
N ARG B 485 -0.51 20.50 20.51
CA ARG B 485 0.85 20.53 19.97
C ARG B 485 1.02 19.57 18.80
N ARG B 486 0.37 18.40 18.86
CA ARG B 486 0.59 17.37 17.86
C ARG B 486 -0.62 17.13 16.94
N VAL B 487 -1.48 18.13 16.76
CA VAL B 487 -2.61 17.94 15.86
C VAL B 487 -2.10 17.77 14.43
N PHE B 488 -2.69 16.84 13.69
CA PHE B 488 -2.27 16.60 12.32
C PHE B 488 -3.40 16.42 11.31
N GLU B 489 -4.66 16.47 11.74
CA GLU B 489 -5.80 16.24 10.85
C GLU B 489 -6.67 17.48 10.79
N LYS B 490 -7.30 17.69 9.64
CA LYS B 490 -8.32 18.71 9.52
C LYS B 490 -9.49 18.38 10.43
N GLY B 491 -9.97 19.41 11.14
CA GLY B 491 -11.07 19.24 12.06
C GLY B 491 -10.67 18.79 13.45
N GLN B 492 -9.41 18.36 13.64
CA GLN B 492 -9.01 17.82 14.94
C GLN B 492 -9.01 18.89 16.01
N ALA B 493 -8.46 20.06 15.70
CA ALA B 493 -8.46 21.15 16.66
C ALA B 493 -9.88 21.59 17.01
N TYR B 494 -10.74 21.66 16.00
CA TYR B 494 -12.14 22.05 16.23
C TYR B 494 -12.83 21.06 17.15
N VAL B 495 -12.66 19.77 16.89
CA VAL B 495 -13.25 18.74 17.74
C VAL B 495 -12.82 18.95 19.19
N ALA B 496 -11.52 19.13 19.40
CA ALA B 496 -10.98 19.21 20.76
C ALA B 496 -11.58 20.41 21.50
N LEU B 497 -11.53 21.58 20.87
CA LEU B 497 -11.99 22.80 21.53
C LEU B 497 -13.50 22.85 21.70
N SER B 498 -14.25 22.19 20.81
CA SER B 498 -15.70 22.21 20.91
C SER B 498 -16.27 21.20 21.88
N ARG B 499 -15.42 20.40 22.54
CA ARG B 499 -15.88 19.60 23.66
C ARG B 499 -16.22 20.46 24.88
N ALA B 500 -15.61 21.65 24.97
CA ALA B 500 -15.73 22.45 26.17
C ALA B 500 -17.15 23.01 26.28
N VAL B 501 -17.58 23.29 27.50
CA VAL B 501 -18.87 23.93 27.70
C VAL B 501 -18.70 25.44 27.80
N SER B 502 -17.92 25.89 28.77
CA SER B 502 -17.65 27.30 28.98
C SER B 502 -16.17 27.59 28.76
N ARG B 503 -15.87 28.85 28.39
CA ARG B 503 -14.47 29.26 28.30
C ARG B 503 -13.76 29.14 29.64
N GLU B 504 -14.47 29.38 30.75
CA GLU B 504 -13.82 29.26 32.05
C GLU B 504 -13.40 27.83 32.33
N GLY B 505 -14.09 26.86 31.74
CA GLY B 505 -13.72 25.47 31.96
C GLY B 505 -12.89 24.91 30.82
N LEU B 506 -12.23 25.78 30.06
CA LEU B 506 -11.39 25.36 28.95
C LEU B 506 -10.02 26.01 29.11
N GLN B 507 -8.97 25.20 29.04
CA GLN B 507 -7.62 25.68 28.86
C GLN B 507 -7.07 25.16 27.55
N VAL B 508 -6.42 26.04 26.79
CA VAL B 508 -5.86 25.68 25.49
C VAL B 508 -4.37 25.97 25.53
N LEU B 509 -3.56 24.94 25.31
CA LEU B 509 -2.13 25.10 25.15
C LEU B 509 -1.75 24.82 23.71
N ASN B 510 -0.79 25.60 23.20
CA ASN B 510 -0.14 25.33 21.92
C ASN B 510 -1.12 25.54 20.77
N PHE B 511 -2.00 26.53 20.91
CA PHE B 511 -2.91 26.92 19.83
C PHE B 511 -2.11 27.38 18.62
N ASP B 512 -2.45 26.82 17.45
CA ASP B 512 -1.82 27.20 16.19
C ASP B 512 -2.88 27.33 15.10
N ARG B 513 -3.08 28.56 14.62
CA ARG B 513 -4.09 28.85 13.61
C ARG B 513 -3.80 28.14 12.28
N THR B 514 -2.53 27.82 12.01
CA THR B 514 -2.20 27.13 10.78
C THR B 514 -2.68 25.69 10.75
N ARG B 515 -3.01 25.10 11.90
CA ARG B 515 -3.46 23.72 11.89
C ARG B 515 -4.98 23.60 12.00
N ILE B 516 -5.71 24.65 11.66
CA ILE B 516 -7.17 24.65 11.73
C ILE B 516 -7.63 25.11 10.34
N LYS B 517 -7.86 24.16 9.46
CA LYS B 517 -8.26 24.42 8.09
C LYS B 517 -9.19 23.30 7.67
N ALA B 518 -10.28 23.65 6.99
CA ALA B 518 -11.28 22.65 6.67
C ALA B 518 -10.97 21.99 5.34
N HIS B 519 -11.55 20.81 5.14
CA HIS B 519 -11.31 20.03 3.94
C HIS B 519 -12.22 20.54 2.83
N GLN B 520 -11.62 20.81 1.68
CA GLN B 520 -12.36 21.39 0.57
C GLN B 520 -13.49 20.46 0.14
N LYS B 521 -13.26 19.15 0.19
CA LYS B 521 -14.30 18.19 -0.15
C LYS B 521 -15.53 18.33 0.76
N VAL B 522 -15.30 18.63 2.04
CA VAL B 522 -16.42 18.81 2.97
C VAL B 522 -17.13 20.15 2.77
N ILE B 523 -16.36 21.23 2.58
CA ILE B 523 -16.95 22.53 2.28
C ILE B 523 -17.88 22.44 1.08
N ASP B 524 -17.40 21.84 -0.01
CA ASP B 524 -18.22 21.68 -1.21
C ASP B 524 -19.50 20.91 -0.92
N PHE B 525 -19.39 19.76 -0.24
CA PHE B 525 -20.59 18.97 0.01
C PHE B 525 -21.62 19.75 0.82
N TYR B 526 -21.17 20.50 1.83
CA TYR B 526 -22.09 21.18 2.71
C TYR B 526 -22.72 22.40 2.03
N LEU B 527 -22.11 22.88 0.94
CA LEU B 527 -22.67 23.94 0.11
C LEU B 527 -23.87 23.49 -0.70
N THR B 528 -24.19 22.20 -0.75
CA THR B 528 -25.35 21.77 -1.51
C THR B 528 -26.57 21.63 -0.59
N LEU B 529 -26.37 21.94 0.68
CA LEU B 529 -27.34 21.79 1.75
C LEU B 529 -28.09 23.12 1.86
N SER B 530 -29.33 23.08 2.30
CA SER B 530 -30.11 24.30 2.34
C SER B 530 -30.05 24.88 3.76
N SER B 531 -30.64 26.05 3.93
CA SER B 531 -30.57 26.75 5.22
C SER B 531 -31.81 27.60 5.46
#